data_6U8X
#
_entry.id   6U8X
#
_cell.length_a   193.845
_cell.length_b   193.845
_cell.length_c   49.884
_cell.angle_alpha   90.000
_cell.angle_beta   90.000
_cell.angle_gamma   120.000
#
_symmetry.space_group_name_H-M   'P 31'
#
loop_
_entity.id
_entity.type
_entity.pdbx_description
1 polymer 'DNA (cytosine-5)-methyltransferase 3B'
2 polymer 'DNA (cytosine-5)-methyltransferase 3-like'
3 polymer 'CpApG DNA (25-MER)'
4 non-polymer 'MAGNESIUM ION'
5 non-polymer S-ADENOSYL-L-HOMOCYSTEINE
6 water water
#
loop_
_entity_poly.entity_id
_entity_poly.type
_entity_poly.pdbx_seq_one_letter_code
_entity_poly.pdbx_strand_id
1 'polypeptide(L)'
;LYPAIPAARRRPIRVLSLFDGIATGYLVLKELGIKVGKYVASEVCEESIAVGTVKHEGNIKYVNDVRNITKKNIEEWGPF
DLVIGGSPCNDLSNVNPARKGLYEGTGRLFFEFYHLLNYSRPKEGDDRPFFWMFENVVAMKVGDKRDISRFLECNPVMID
AIKVSAAHRARYFWGNLPGMNRPVIASKNDKLELQDCLEYNRIAKLKKVQTITTKSNSIKQGKNQLFPVVMNGKEDVLWC
TELERIFGFPVHYTDVSNMGRGARQKLLGRSWSVPVIRHLFAPLKDYFACE
;
A,D
2 'polypeptide(L)'
;MFETVPVWRRQPVRVLSLFEDIKKELTSLGFLESGSDPGQLKHVVDVTDTVRKDVEEWGPFDLVYGATPPLGHTCDRPPS
WYLFQFHRLLQYARPKPGSPRPFFWMFVDNLVLNKEDLDVASRFLEMEPVTIPDVHGGSLQNAVRVWSNIPAIRSRHWAL
VSEEELSLLAQNKQSSKLAAKWPTKLVKNCFLPLREYFKYFSTELTSSL
;
B,C
3 'polydeoxyribonucleotide'
;(DC)(DA)(DT)(DG)(PYO)(DA)(DG)(DT)(DC)(DT)(DA)(DA)(DT)(DT)(DA)(DG)(DA)(DC)(DT)
(DG)(DC)(DA)(DT)(DG)(DG)
;
E,F
#
loop_
_chem_comp.id
_chem_comp.type
_chem_comp.name
_chem_comp.formula
DA DNA linking 2'-DEOXYADENOSINE-5'-MONOPHOSPHATE 'C10 H14 N5 O6 P'
DC DNA linking 2'-DEOXYCYTIDINE-5'-MONOPHOSPHATE 'C9 H14 N3 O7 P'
DG DNA linking 2'-DEOXYGUANOSINE-5'-MONOPHOSPHATE 'C10 H14 N5 O7 P'
DT DNA linking THYMIDINE-5'-MONOPHOSPHATE 'C10 H15 N2 O8 P'
MG non-polymer 'MAGNESIUM ION' 'Mg 2'
PYO RNA linking 1-(BETA-D-RIBOFURANOSYL)-PYRIMIDIN-2-ONE-5'-PHOSPHATE 'C9 H13 N2 O8 P'
SAH non-polymer S-ADENOSYL-L-HOMOCYSTEINE 'C14 H20 N6 O5 S'
#
# COMPACT_ATOMS: atom_id res chain seq x y z
N LEU A 1 -30.65 33.11 -1.51
CA LEU A 1 -31.72 32.59 -2.35
C LEU A 1 -32.69 31.73 -1.54
N TYR A 2 -32.23 30.56 -1.11
CA TYR A 2 -33.08 29.69 -0.33
C TYR A 2 -33.23 30.24 1.09
N PRO A 3 -34.43 30.22 1.65
CA PRO A 3 -34.64 30.80 2.98
C PRO A 3 -33.89 30.03 4.07
N ALA A 4 -33.45 30.77 5.08
CA ALA A 4 -32.72 30.18 6.19
C ALA A 4 -33.63 29.29 7.05
N ILE A 5 -33.04 28.26 7.62
CA ILE A 5 -33.78 27.26 8.40
C ILE A 5 -33.46 27.47 9.88
N PRO A 6 -34.45 27.49 10.77
CA PRO A 6 -34.14 27.55 12.20
C PRO A 6 -33.38 26.31 12.65
N ALA A 7 -32.57 26.48 13.69
CA ALA A 7 -31.65 25.43 14.11
C ALA A 7 -32.40 24.16 14.53
N ALA A 8 -33.56 24.32 15.18
CA ALA A 8 -34.31 23.16 15.64
C ALA A 8 -35.04 22.44 14.51
N ARG A 9 -35.44 23.17 13.46
CA ARG A 9 -36.13 22.56 12.33
C ARG A 9 -35.20 21.83 11.37
N ARG A 10 -33.90 21.85 11.63
CA ARG A 10 -32.94 21.16 10.76
C ARG A 10 -33.00 19.66 11.02
N ARG A 11 -32.76 18.90 9.96
CA ARG A 11 -32.77 17.45 9.99
C ARG A 11 -31.54 16.93 9.26
N PRO A 12 -31.11 15.70 9.55
CA PRO A 12 -29.93 15.15 8.87
C PRO A 12 -30.09 15.17 7.36
N ILE A 13 -28.96 15.30 6.67
CA ILE A 13 -28.94 15.48 5.23
C ILE A 13 -29.04 14.13 4.54
N ARG A 14 -29.68 14.12 3.37
CA ARG A 14 -29.86 12.91 2.56
C ARG A 14 -29.23 13.18 1.19
N VAL A 15 -28.16 12.44 0.89
CA VAL A 15 -27.28 12.75 -0.23
C VAL A 15 -27.36 11.64 -1.26
N LEU A 16 -27.40 12.02 -2.53
CA LEU A 16 -27.27 11.11 -3.67
C LEU A 16 -25.98 11.47 -4.40
N SER A 17 -24.99 10.59 -4.33
CA SER A 17 -23.67 10.81 -4.91
C SER A 17 -23.51 9.89 -6.12
N LEU A 18 -23.47 10.48 -7.31
CA LEU A 18 -23.21 9.75 -8.54
C LEU A 18 -21.74 9.86 -8.89
N PHE A 19 -21.18 8.76 -9.41
CA PHE A 19 -19.74 8.65 -9.67
C PHE A 19 -18.95 8.97 -8.41
N ASP A 20 -19.32 8.28 -7.32
CA ASP A 20 -18.88 8.64 -5.99
C ASP A 20 -17.37 8.49 -5.82
N GLY A 21 -16.75 7.56 -6.52
CA GLY A 21 -15.33 7.33 -6.37
C GLY A 21 -14.94 6.76 -5.02
N ILE A 22 -14.14 7.51 -4.25
CA ILE A 22 -13.64 7.03 -2.97
C ILE A 22 -14.35 7.77 -1.85
N ALA A 23 -15.60 8.17 -2.13
CA ALA A 23 -16.49 8.73 -1.12
C ALA A 23 -15.95 10.04 -0.56
N THR A 24 -15.43 10.88 -1.45
CA THR A 24 -14.95 12.20 -1.04
C THR A 24 -16.08 13.03 -0.47
N GLY A 25 -17.26 12.97 -1.11
CA GLY A 25 -18.38 13.76 -0.64
C GLY A 25 -18.82 13.41 0.77
N TYR A 26 -18.88 12.11 1.08
CA TYR A 26 -19.25 11.70 2.43
C TYR A 26 -18.18 12.09 3.44
N LEU A 27 -16.90 11.94 3.07
CA LEU A 27 -15.82 12.31 3.97
C LEU A 27 -15.88 13.79 4.35
N VAL A 28 -16.18 14.65 3.37
CA VAL A 28 -16.22 16.08 3.63
C VAL A 28 -17.37 16.42 4.58
N LEU A 29 -18.56 15.89 4.30
CA LEU A 29 -19.72 16.19 5.13
C LEU A 29 -19.52 15.72 6.56
N LYS A 30 -18.86 14.56 6.74
CA LYS A 30 -18.61 14.07 8.09
C LYS A 30 -17.54 14.89 8.79
N GLU A 31 -16.57 15.43 8.04
CA GLU A 31 -15.55 16.27 8.64
C GLU A 31 -16.05 17.67 8.96
N LEU A 32 -17.12 18.12 8.31
CA LEU A 32 -17.74 19.40 8.64
C LEU A 32 -18.59 19.34 9.91
N GLY A 33 -18.88 18.16 10.41
CA GLY A 33 -19.78 18.01 11.54
C GLY A 33 -21.23 17.85 11.17
N ILE A 34 -21.54 17.64 9.89
CA ILE A 34 -22.92 17.51 9.44
C ILE A 34 -23.39 16.08 9.68
N LYS A 35 -24.55 15.94 10.32
CA LYS A 35 -25.15 14.62 10.53
C LYS A 35 -25.73 14.13 9.21
N VAL A 36 -25.24 12.99 8.73
CA VAL A 36 -25.65 12.43 7.45
C VAL A 36 -26.70 11.36 7.71
N GLY A 37 -27.89 11.55 7.15
CA GLY A 37 -28.97 10.60 7.32
C GLY A 37 -28.93 9.46 6.32
N LYS A 38 -28.54 9.76 5.09
CA LYS A 38 -28.51 8.76 4.02
C LYS A 38 -27.56 9.21 2.93
N TYR A 39 -26.73 8.29 2.45
CA TYR A 39 -25.73 8.59 1.42
C TYR A 39 -25.75 7.46 0.39
N VAL A 40 -26.48 7.69 -0.70
CA VAL A 40 -26.61 6.71 -1.78
C VAL A 40 -25.54 7.00 -2.82
N ALA A 41 -24.64 6.04 -3.03
CA ALA A 41 -23.48 6.21 -3.90
C ALA A 41 -23.59 5.31 -5.12
N SER A 42 -23.36 5.88 -6.29
CA SER A 42 -23.37 5.15 -7.56
C SER A 42 -21.92 5.02 -8.03
N GLU A 43 -21.38 3.81 -7.94
CA GLU A 43 -19.99 3.56 -8.28
C GLU A 43 -19.86 2.12 -8.78
N VAL A 44 -18.96 1.92 -9.74
CA VAL A 44 -18.76 0.62 -10.38
C VAL A 44 -17.36 0.08 -10.16
N CYS A 45 -16.45 0.83 -9.55
CA CYS A 45 -15.09 0.37 -9.31
C CYS A 45 -15.03 -0.36 -7.98
N GLU A 46 -14.71 -1.66 -8.02
CA GLU A 46 -14.71 -2.45 -6.80
C GLU A 46 -13.73 -1.91 -5.77
N GLU A 47 -12.55 -1.50 -6.23
CA GLU A 47 -11.55 -0.97 -5.30
C GLU A 47 -12.00 0.37 -4.71
N SER A 48 -12.69 1.20 -5.50
CA SER A 48 -13.24 2.44 -4.97
C SER A 48 -14.32 2.17 -3.94
N ILE A 49 -15.23 1.22 -4.24
CA ILE A 49 -16.28 0.85 -3.28
C ILE A 49 -15.66 0.28 -2.02
N ALA A 50 -14.58 -0.49 -2.17
CA ALA A 50 -13.91 -1.07 -1.00
C ALA A 50 -13.45 0.02 -0.04
N VAL A 51 -12.92 1.13 -0.57
CA VAL A 51 -12.48 2.24 0.28
C VAL A 51 -13.66 2.84 1.03
N GLY A 52 -14.76 3.11 0.31
CA GLY A 52 -15.90 3.76 0.94
C GLY A 52 -16.56 2.90 2.00
N THR A 53 -16.64 1.59 1.77
CA THR A 53 -17.28 0.71 2.75
C THR A 53 -16.40 0.51 3.98
N VAL A 54 -15.08 0.42 3.79
CA VAL A 54 -14.19 0.13 4.90
C VAL A 54 -13.90 1.38 5.72
N LYS A 55 -13.54 2.48 5.05
CA LYS A 55 -13.17 3.69 5.76
C LYS A 55 -14.37 4.35 6.44
N HIS A 56 -15.58 4.10 5.96
CA HIS A 56 -16.79 4.67 6.55
C HIS A 56 -17.68 3.62 7.19
N GLU A 57 -17.26 2.34 7.21
CA GLU A 57 -17.88 1.30 8.02
C GLU A 57 -19.36 1.09 7.65
N GLY A 58 -19.64 1.06 6.36
CA GLY A 58 -20.94 0.65 5.87
C GLY A 58 -22.05 1.67 6.01
N ASN A 59 -21.74 2.94 6.28
CA ASN A 59 -22.77 3.97 6.30
C ASN A 59 -23.19 4.39 4.90
N ILE A 60 -22.50 3.92 3.86
CA ILE A 60 -22.77 4.31 2.48
C ILE A 60 -23.48 3.17 1.78
N LYS A 61 -24.62 3.47 1.16
CA LYS A 61 -25.40 2.49 0.40
C LYS A 61 -24.99 2.57 -1.08
N TYR A 62 -24.34 1.53 -1.58
CA TYR A 62 -23.86 1.49 -2.96
C TYR A 62 -24.91 0.86 -3.87
N VAL A 63 -25.12 1.49 -5.04
CA VAL A 63 -26.31 1.26 -5.87
C VAL A 63 -26.03 1.00 -7.35
N ASN A 64 -25.16 0.02 -7.69
CA ASN A 64 -24.17 0.01 -8.76
C ASN A 64 -24.48 0.93 -9.95
N ASP A 65 -23.93 0.63 -11.13
CA ASP A 65 -23.98 1.50 -12.31
C ASP A 65 -25.13 2.50 -12.36
N VAL A 66 -24.78 3.76 -12.64
CA VAL A 66 -25.75 4.86 -12.63
C VAL A 66 -26.77 4.72 -13.76
N ARG A 67 -26.39 4.10 -14.87
CA ARG A 67 -27.30 3.93 -15.99
C ARG A 67 -28.45 2.97 -15.68
N ASN A 68 -28.38 2.22 -14.59
CA ASN A 68 -29.44 1.30 -14.20
C ASN A 68 -30.35 1.88 -13.12
N ILE A 69 -30.12 3.11 -12.69
CA ILE A 69 -30.98 3.75 -11.71
C ILE A 69 -32.24 4.25 -12.40
N THR A 70 -33.39 3.75 -11.97
CA THR A 70 -34.67 4.09 -12.58
C THR A 70 -35.32 5.26 -11.85
N LYS A 71 -36.40 5.78 -12.43
CA LYS A 71 -37.15 6.83 -11.78
C LYS A 71 -37.72 6.36 -10.45
N LYS A 72 -38.18 5.11 -10.39
CA LYS A 72 -38.72 4.58 -9.14
C LYS A 72 -37.67 4.56 -8.05
N ASN A 73 -36.41 4.28 -8.41
CA ASN A 73 -35.34 4.23 -7.43
C ASN A 73 -35.14 5.59 -6.76
N ILE A 74 -35.22 6.67 -7.54
CA ILE A 74 -35.03 8.01 -6.98
C ILE A 74 -36.12 8.33 -5.97
N GLU A 75 -37.34 7.84 -6.23
CA GLU A 75 -38.44 8.07 -5.30
C GLU A 75 -38.34 7.16 -4.08
N GLU A 76 -37.95 5.90 -4.30
CA GLU A 76 -37.78 4.97 -3.18
C GLU A 76 -36.60 5.39 -2.30
N TRP A 77 -35.42 5.55 -2.90
CA TRP A 77 -34.24 5.92 -2.12
C TRP A 77 -34.31 7.35 -1.61
N GLY A 78 -35.11 8.21 -2.23
CA GLY A 78 -35.25 9.57 -1.80
C GLY A 78 -36.18 9.73 -0.61
N PRO A 79 -36.55 10.98 -0.29
CA PRO A 79 -36.11 12.21 -0.95
C PRO A 79 -34.66 12.57 -0.63
N PHE A 80 -34.02 13.31 -1.52
CA PHE A 80 -32.62 13.68 -1.37
C PHE A 80 -32.50 15.18 -1.13
N ASP A 81 -31.62 15.55 -0.19
CA ASP A 81 -31.33 16.95 0.09
C ASP A 81 -30.14 17.48 -0.70
N LEU A 82 -29.28 16.60 -1.19
CA LEU A 82 -28.07 17.01 -1.91
C LEU A 82 -27.75 15.96 -2.96
N VAL A 83 -27.44 16.40 -4.17
CA VAL A 83 -27.11 15.51 -5.28
C VAL A 83 -25.78 15.99 -5.86
N ILE A 84 -24.72 15.22 -5.62
CA ILE A 84 -23.38 15.57 -6.07
C ILE A 84 -22.88 14.52 -7.05
N GLY A 85 -21.84 14.88 -7.80
CA GLY A 85 -21.26 13.97 -8.75
C GLY A 85 -20.16 14.55 -9.61
N GLY A 86 -19.12 13.76 -9.87
CA GLY A 86 -18.11 14.13 -10.83
C GLY A 86 -17.98 13.12 -11.96
N SER A 87 -18.37 13.52 -13.17
CA SER A 87 -18.40 12.60 -14.29
C SER A 87 -16.99 12.24 -14.74
N PRO A 88 -16.80 11.03 -15.27
CA PRO A 88 -15.49 10.68 -15.83
C PRO A 88 -15.06 11.66 -16.92
N CYS A 89 -13.80 12.06 -16.86
CA CYS A 89 -13.25 13.10 -17.74
C CYS A 89 -12.19 12.54 -18.70
N ASN A 90 -12.11 11.22 -18.85
CA ASN A 90 -11.14 10.63 -19.77
C ASN A 90 -11.51 10.88 -21.23
N ASP A 91 -12.73 11.30 -21.52
CA ASP A 91 -13.14 11.69 -22.86
C ASP A 91 -13.40 13.18 -23.00
N LEU A 92 -13.17 13.96 -21.94
CA LEU A 92 -13.39 15.40 -21.96
C LEU A 92 -12.12 16.22 -21.79
N SER A 93 -11.11 15.67 -21.11
CA SER A 93 -9.91 16.44 -20.78
C SER A 93 -9.01 16.57 -22.00
N ASN A 94 -8.34 17.72 -22.09
CA ASN A 94 -7.39 17.97 -23.17
C ASN A 94 -6.17 17.06 -23.10
N VAL A 95 -5.86 16.50 -21.92
CA VAL A 95 -4.68 15.65 -21.76
C VAL A 95 -4.79 14.36 -22.56
N ASN A 96 -6.01 13.99 -22.98
CA ASN A 96 -6.21 12.80 -23.78
C ASN A 96 -6.25 13.19 -25.25
N PRO A 97 -5.29 12.75 -26.07
CA PRO A 97 -5.33 13.10 -27.49
C PRO A 97 -6.49 12.47 -28.23
N ALA A 98 -7.01 11.35 -27.76
CA ALA A 98 -8.09 10.62 -28.41
C ALA A 98 -9.41 10.76 -27.66
N ARG A 99 -9.67 11.94 -27.09
CA ARG A 99 -10.91 12.13 -26.36
C ARG A 99 -12.09 12.20 -27.34
N LYS A 100 -13.24 11.69 -26.86
CA LYS A 100 -14.42 11.50 -27.70
C LYS A 100 -15.52 12.51 -27.38
N GLY A 101 -15.18 13.61 -26.73
CA GLY A 101 -16.16 14.65 -26.49
C GLY A 101 -17.20 14.29 -25.43
N LEU A 102 -18.29 15.04 -25.44
CA LEU A 102 -19.36 14.89 -24.46
C LEU A 102 -20.44 13.92 -24.90
N TYR A 103 -20.52 13.59 -26.19
CA TYR A 103 -21.61 12.78 -26.71
C TYR A 103 -21.19 11.36 -27.09
N GLU A 104 -19.92 11.00 -26.88
CA GLU A 104 -19.44 9.66 -27.18
C GLU A 104 -18.53 9.18 -26.07
N GLY A 105 -18.39 7.86 -25.97
CA GLY A 105 -17.50 7.28 -24.97
C GLY A 105 -18.07 7.42 -23.57
N THR A 106 -17.21 7.82 -22.64
CA THR A 106 -17.63 8.03 -21.26
C THR A 106 -18.07 9.46 -20.99
N GLY A 107 -17.94 10.36 -21.95
CA GLY A 107 -18.39 11.73 -21.75
C GLY A 107 -19.90 11.85 -21.66
N ARG A 108 -20.63 10.92 -22.31
CA ARG A 108 -22.08 10.96 -22.26
C ARG A 108 -22.64 10.57 -20.90
N LEU A 109 -21.80 10.06 -19.99
CA LEU A 109 -22.25 9.79 -18.63
C LEU A 109 -22.61 11.05 -17.88
N PHE A 110 -22.25 12.23 -18.39
CA PHE A 110 -22.71 13.47 -17.80
C PHE A 110 -24.23 13.56 -17.84
N PHE A 111 -24.83 13.19 -18.96
CA PHE A 111 -26.28 13.27 -19.09
C PHE A 111 -27.01 12.37 -18.09
N GLU A 112 -26.35 11.32 -17.62
CA GLU A 112 -26.92 10.52 -16.53
C GLU A 112 -27.06 11.34 -15.27
N PHE A 113 -26.09 12.22 -15.00
CA PHE A 113 -26.23 13.14 -13.88
C PHE A 113 -27.36 14.13 -14.13
N TYR A 114 -27.44 14.66 -15.35
CA TYR A 114 -28.55 15.55 -15.71
C TYR A 114 -29.88 14.81 -15.62
N HIS A 115 -29.91 13.54 -16.03
CA HIS A 115 -31.14 12.78 -16.03
C HIS A 115 -31.66 12.57 -14.62
N LEU A 116 -30.82 12.02 -13.73
CA LEU A 116 -31.25 11.74 -12.36
C LEU A 116 -31.40 12.98 -11.52
N LEU A 117 -30.81 14.11 -11.93
CA LEU A 117 -30.99 15.35 -11.18
C LEU A 117 -32.44 15.82 -11.28
N ASN A 118 -33.00 15.83 -12.50
CA ASN A 118 -34.40 16.19 -12.66
C ASN A 118 -35.32 15.22 -11.95
N TYR A 119 -34.95 13.94 -11.89
CA TYR A 119 -35.73 12.99 -11.11
C TYR A 119 -35.72 13.35 -9.63
N SER A 120 -34.57 13.83 -9.14
CA SER A 120 -34.43 14.14 -7.71
C SER A 120 -34.97 15.52 -7.34
N ARG A 121 -35.19 16.39 -8.33
CA ARG A 121 -35.61 17.75 -8.03
C ARG A 121 -36.98 17.74 -7.36
N PRO A 122 -37.23 18.61 -6.38
CA PRO A 122 -38.55 18.68 -5.76
C PRO A 122 -39.61 19.08 -6.78
N LYS A 123 -40.80 18.51 -6.63
CA LYS A 123 -41.89 18.81 -7.55
C LYS A 123 -42.35 20.25 -7.39
N GLU A 124 -43.07 20.74 -8.39
CA GLU A 124 -43.59 22.11 -8.37
C GLU A 124 -44.49 22.31 -7.16
N GLY A 125 -44.17 23.32 -6.37
CA GLY A 125 -44.92 23.60 -5.15
C GLY A 125 -44.26 23.10 -3.88
N ASP A 126 -43.05 22.56 -3.96
CA ASP A 126 -42.32 22.06 -2.80
C ASP A 126 -41.14 23.00 -2.56
N ASP A 127 -41.32 23.94 -1.64
CA ASP A 127 -40.32 24.96 -1.35
C ASP A 127 -39.25 24.48 -0.38
N ARG A 128 -39.08 23.17 -0.23
CA ARG A 128 -38.07 22.64 0.66
C ARG A 128 -36.67 22.90 0.10
N PRO A 129 -35.66 23.01 0.96
CA PRO A 129 -34.29 23.26 0.48
C PRO A 129 -33.77 22.09 -0.34
N PHE A 130 -33.00 22.43 -1.38
CA PHE A 130 -32.43 21.44 -2.28
C PHE A 130 -31.19 22.01 -2.93
N PHE A 131 -30.09 21.25 -2.87
CA PHE A 131 -28.81 21.69 -3.40
C PHE A 131 -28.20 20.59 -4.26
N TRP A 132 -27.29 20.99 -5.15
CA TRP A 132 -26.62 20.04 -6.03
C TRP A 132 -25.30 20.64 -6.49
N MET A 133 -24.43 19.77 -7.01
CA MET A 133 -23.11 20.20 -7.44
C MET A 133 -22.58 19.22 -8.48
N PHE A 134 -21.88 19.74 -9.48
CA PHE A 134 -21.26 18.91 -10.50
C PHE A 134 -19.86 19.45 -10.76
N GLU A 135 -18.88 18.54 -10.87
CA GLU A 135 -17.48 18.89 -11.03
C GLU A 135 -16.91 18.22 -12.28
N ASN A 136 -16.06 18.94 -12.99
CA ASN A 136 -15.36 18.38 -14.14
C ASN A 136 -14.13 19.22 -14.41
N VAL A 137 -13.33 18.76 -15.38
CA VAL A 137 -12.06 19.41 -15.65
C VAL A 137 -12.28 20.75 -16.36
N VAL A 138 -11.26 21.60 -16.29
CA VAL A 138 -11.28 22.85 -17.03
C VAL A 138 -10.83 22.63 -18.47
N ALA A 139 -9.87 21.73 -18.68
CA ALA A 139 -9.28 21.52 -20.00
C ALA A 139 -10.22 20.69 -20.88
N MET A 140 -11.39 21.25 -21.18
CA MET A 140 -12.34 20.65 -22.10
C MET A 140 -12.66 21.61 -23.22
N LYS A 141 -13.23 21.08 -24.30
CA LYS A 141 -13.58 21.91 -25.44
C LYS A 141 -14.61 22.97 -25.03
N VAL A 142 -14.61 24.08 -25.75
CA VAL A 142 -15.61 25.10 -25.49
C VAL A 142 -17.00 24.60 -25.86
N GLY A 143 -17.11 23.68 -26.82
CA GLY A 143 -18.40 23.12 -27.16
C GLY A 143 -18.96 22.23 -26.09
N ASP A 144 -18.09 21.53 -25.36
CA ASP A 144 -18.55 20.68 -24.26
C ASP A 144 -18.90 21.50 -23.02
N LYS A 145 -18.07 22.50 -22.69
CA LYS A 145 -18.38 23.36 -21.56
C LYS A 145 -19.67 24.14 -21.79
N ARG A 146 -19.93 24.53 -23.04
CA ARG A 146 -21.17 25.23 -23.35
C ARG A 146 -22.39 24.34 -23.15
N ASP A 147 -22.37 23.13 -23.73
CA ASP A 147 -23.53 22.25 -23.67
C ASP A 147 -23.80 21.77 -22.25
N ILE A 148 -22.75 21.48 -21.48
CA ILE A 148 -22.94 21.10 -20.08
C ILE A 148 -23.64 22.22 -19.32
N SER A 149 -23.24 23.47 -19.58
CA SER A 149 -23.88 24.60 -18.93
C SER A 149 -25.33 24.79 -19.37
N ARG A 150 -25.69 24.30 -20.56
CA ARG A 150 -27.06 24.44 -21.01
C ARG A 150 -27.98 23.41 -20.37
N PHE A 151 -27.50 22.17 -20.21
CA PHE A 151 -28.34 21.14 -19.60
C PHE A 151 -28.55 21.40 -18.12
N LEU A 152 -27.52 21.89 -17.43
CA LEU A 152 -27.66 22.28 -16.03
C LEU A 152 -28.19 23.69 -15.85
N GLU A 153 -28.32 24.46 -16.94
CA GLU A 153 -28.93 25.80 -16.92
C GLU A 153 -28.21 26.74 -15.96
N CYS A 154 -26.89 26.61 -15.86
CA CYS A 154 -26.09 27.49 -15.01
C CYS A 154 -24.65 27.45 -15.50
N ASN A 155 -23.87 28.44 -15.04
CA ASN A 155 -22.47 28.54 -15.44
C ASN A 155 -21.56 28.12 -14.30
N PRO A 156 -20.42 27.50 -14.62
CA PRO A 156 -19.54 26.97 -13.58
C PRO A 156 -18.67 28.04 -12.96
N VAL A 157 -18.19 27.75 -11.76
CA VAL A 157 -17.21 28.55 -11.05
C VAL A 157 -15.94 27.73 -10.92
N MET A 158 -14.83 28.25 -11.44
CA MET A 158 -13.56 27.55 -11.45
C MET A 158 -12.86 27.78 -10.12
N ILE A 159 -12.53 26.68 -9.43
CA ILE A 159 -11.78 26.73 -8.19
C ILE A 159 -10.54 25.86 -8.36
N ASP A 160 -9.37 26.48 -8.24
CA ASP A 160 -8.10 25.75 -8.30
C ASP A 160 -7.70 25.33 -6.89
N ALA A 161 -7.29 24.08 -6.75
CA ALA A 161 -6.83 23.58 -5.46
C ALA A 161 -5.51 24.19 -5.03
N ILE A 162 -4.87 25.00 -5.90
CA ILE A 162 -3.60 25.62 -5.58
C ILE A 162 -3.71 26.57 -4.39
N LYS A 163 -4.92 27.06 -4.10
CA LYS A 163 -5.10 28.02 -3.02
C LYS A 163 -5.19 27.37 -1.64
N VAL A 164 -5.52 26.07 -1.57
CA VAL A 164 -5.75 25.42 -0.29
C VAL A 164 -4.96 24.12 -0.18
N SER A 165 -4.35 23.69 -1.28
CA SER A 165 -3.55 22.46 -1.30
C SER A 165 -2.16 22.79 -1.83
N ALA A 166 -1.34 21.75 -1.97
CA ALA A 166 0.02 21.90 -2.47
C ALA A 166 0.14 21.50 -3.94
N ALA A 167 -0.97 21.45 -4.67
CA ALA A 167 -0.94 20.97 -6.05
C ALA A 167 -1.85 21.82 -6.93
N HIS A 168 -1.49 21.92 -8.19
CA HIS A 168 -2.38 22.51 -9.18
C HIS A 168 -3.56 21.58 -9.43
N ARG A 169 -4.78 22.11 -9.27
CA ARG A 169 -5.96 21.37 -9.73
C ARG A 169 -7.04 22.40 -10.08
N ALA A 170 -7.18 22.72 -11.36
CA ALA A 170 -8.20 23.65 -11.82
C ALA A 170 -9.43 22.89 -12.29
N ARG A 171 -10.57 23.15 -11.65
CA ARG A 171 -11.79 22.40 -11.94
C ARG A 171 -12.98 23.33 -12.00
N TYR A 172 -13.90 23.03 -12.93
CA TYR A 172 -15.18 23.72 -12.99
C TYR A 172 -16.16 23.12 -11.99
N PHE A 173 -17.08 23.95 -11.51
CA PHE A 173 -18.06 23.53 -10.51
C PHE A 173 -19.42 24.16 -10.82
N TRP A 174 -20.28 23.40 -11.48
CA TRP A 174 -21.67 23.78 -11.60
C TRP A 174 -22.43 23.45 -10.32
N GLY A 175 -23.45 24.23 -10.04
CA GLY A 175 -24.28 23.94 -8.89
C GLY A 175 -25.06 25.15 -8.44
N ASN A 176 -25.77 24.96 -7.32
CA ASN A 176 -26.57 26.01 -6.69
C ASN A 176 -26.26 26.12 -5.19
N LEU A 177 -25.06 25.71 -4.78
CA LEU A 177 -24.70 25.79 -3.38
C LEU A 177 -24.57 27.24 -2.93
N PRO A 178 -24.83 27.54 -1.67
CA PRO A 178 -24.66 28.91 -1.18
C PRO A 178 -23.20 29.33 -1.24
N GLY A 179 -22.97 30.57 -1.68
CA GLY A 179 -21.64 31.14 -1.74
C GLY A 179 -20.59 30.29 -2.44
N MET A 180 -20.79 30.02 -3.73
CA MET A 180 -19.77 29.32 -4.50
C MET A 180 -18.78 30.28 -5.14
N ASN A 181 -19.25 31.44 -5.58
CA ASN A 181 -18.39 32.47 -6.17
C ASN A 181 -17.62 33.26 -5.12
N ARG A 182 -17.83 32.98 -3.83
CA ARG A 182 -17.13 33.71 -2.79
C ARG A 182 -15.63 33.44 -2.85
N PRO A 183 -14.81 34.38 -2.39
CA PRO A 183 -13.36 34.18 -2.43
C PRO A 183 -12.95 32.96 -1.61
N VAL A 184 -12.15 32.09 -2.24
CA VAL A 184 -11.63 30.91 -1.57
C VAL A 184 -10.59 31.33 -0.53
N ILE A 185 -10.77 30.88 0.71
CA ILE A 185 -9.89 31.22 1.81
C ILE A 185 -9.21 29.95 2.31
N ALA A 186 -7.95 30.09 2.74
CA ALA A 186 -7.20 28.96 3.26
C ALA A 186 -7.51 28.74 4.74
N SER A 187 -7.52 27.48 5.13
CA SER A 187 -7.83 27.10 6.50
C SER A 187 -6.56 27.03 7.33
N LYS A 188 -6.72 26.75 8.63
CA LYS A 188 -5.58 26.65 9.53
C LYS A 188 -4.86 25.33 9.39
N ASN A 189 -5.60 24.24 9.09
CA ASN A 189 -5.02 22.91 8.96
C ASN A 189 -4.78 22.52 7.50
N ASP A 190 -4.66 23.50 6.61
CA ASP A 190 -4.39 23.25 5.21
C ASP A 190 -2.88 23.17 4.99
N LYS A 191 -2.42 22.05 4.44
CA LYS A 191 -1.01 21.87 4.11
C LYS A 191 -0.76 22.53 2.76
N LEU A 192 -0.27 23.77 2.79
CA LEU A 192 -0.23 24.60 1.58
C LEU A 192 0.95 24.29 0.66
N GLU A 193 2.10 23.90 1.20
CA GLU A 193 3.26 23.59 0.37
C GLU A 193 3.67 22.12 0.53
N LEU A 194 4.43 21.66 -0.46
CA LEU A 194 4.72 20.23 -0.58
C LEU A 194 5.44 19.67 0.64
N GLN A 195 6.30 20.47 1.28
CA GLN A 195 7.05 19.96 2.42
C GLN A 195 6.12 19.57 3.57
N ASP A 196 4.93 20.19 3.65
CA ASP A 196 3.99 19.85 4.71
C ASP A 196 3.36 18.47 4.52
N CYS A 197 3.32 17.98 3.28
CA CYS A 197 2.71 16.70 2.96
C CYS A 197 3.70 15.54 3.01
N LEU A 198 4.99 15.81 3.04
CA LEU A 198 5.97 14.73 2.99
C LEU A 198 6.15 14.09 4.37
N GLU A 199 6.87 12.98 4.39
CA GLU A 199 7.14 12.23 5.61
C GLU A 199 8.38 12.78 6.30
N TYR A 200 8.83 12.11 7.35
CA TYR A 200 10.07 12.48 8.00
C TYR A 200 11.27 12.12 7.12
N ASN A 201 12.32 12.93 7.23
CA ASN A 201 13.58 12.72 6.50
C ASN A 201 13.38 12.78 4.99
N ARG A 202 12.45 13.61 4.52
CA ARG A 202 12.22 13.81 3.10
C ARG A 202 12.17 15.31 2.83
N ILE A 203 12.84 15.74 1.78
CA ILE A 203 12.93 17.15 1.41
C ILE A 203 12.17 17.37 0.11
N ALA A 204 11.44 18.48 0.04
CA ALA A 204 10.66 18.83 -1.15
C ALA A 204 11.45 19.80 -2.02
N LYS A 205 11.60 19.44 -3.30
CA LYS A 205 12.28 20.34 -4.23
C LYS A 205 11.45 21.58 -4.53
N LEU A 206 10.16 21.40 -4.78
CA LEU A 206 9.26 22.48 -5.13
C LEU A 206 8.32 22.78 -3.96
N LYS A 207 7.64 23.92 -4.05
CA LYS A 207 6.64 24.28 -3.06
C LYS A 207 5.24 23.84 -3.48
N LYS A 208 5.01 23.69 -4.78
CA LYS A 208 3.70 23.31 -5.29
C LYS A 208 3.88 22.49 -6.56
N VAL A 209 3.22 21.34 -6.62
CA VAL A 209 3.42 20.39 -7.70
C VAL A 209 2.35 20.60 -8.77
N GLN A 210 2.62 20.08 -9.97
CA GLN A 210 1.67 20.16 -11.07
C GLN A 210 0.54 19.16 -10.87
N THR A 211 -0.49 19.31 -11.71
CA THR A 211 -1.72 18.54 -11.57
C THR A 211 -1.45 17.04 -11.57
N ILE A 212 -1.92 16.36 -10.52
CA ILE A 212 -1.73 14.93 -10.36
C ILE A 212 -2.84 14.20 -11.09
N THR A 213 -2.46 13.32 -12.01
CA THR A 213 -3.39 12.48 -12.74
C THR A 213 -3.22 11.02 -12.28
N THR A 214 -3.92 10.12 -12.96
CA THR A 214 -3.81 8.69 -12.65
C THR A 214 -2.52 8.06 -13.13
N LYS A 215 -1.69 8.79 -13.89
CA LYS A 215 -0.45 8.27 -14.43
C LYS A 215 0.72 8.67 -13.54
N SER A 216 1.70 7.78 -13.42
CA SER A 216 2.86 8.00 -12.55
C SER A 216 3.78 9.11 -13.04
N ASN A 217 3.68 9.53 -14.30
CA ASN A 217 4.56 10.57 -14.83
C ASN A 217 4.06 11.98 -14.54
N SER A 218 2.85 12.14 -14.03
CA SER A 218 2.42 13.45 -13.55
C SER A 218 3.05 13.82 -12.22
N ILE A 219 3.75 12.88 -11.58
CA ILE A 219 4.51 13.18 -10.36
C ILE A 219 5.83 13.84 -10.73
N LYS A 220 6.44 13.43 -11.84
CA LYS A 220 7.65 14.07 -12.33
C LYS A 220 7.32 15.48 -12.82
N GLN A 221 7.96 16.47 -12.21
CA GLN A 221 7.59 17.86 -12.40
C GLN A 221 8.28 18.47 -13.61
N GLY A 222 7.62 19.47 -14.19
CA GLY A 222 8.21 20.28 -15.24
C GLY A 222 8.35 19.55 -16.58
N LYS A 223 9.00 20.26 -17.50
CA LYS A 223 9.26 19.70 -18.83
C LYS A 223 10.41 18.70 -18.81
N ASN A 224 11.33 18.84 -17.86
CA ASN A 224 12.45 17.93 -17.73
C ASN A 224 12.13 16.70 -16.88
N GLN A 225 10.88 16.57 -16.42
CA GLN A 225 10.43 15.39 -15.67
C GLN A 225 11.31 15.14 -14.44
N LEU A 226 11.32 16.12 -13.53
CA LEU A 226 12.16 16.07 -12.35
C LEU A 226 11.45 15.34 -11.21
N PHE A 227 12.22 14.56 -10.46
CA PHE A 227 11.67 13.93 -9.26
C PHE A 227 11.43 15.00 -8.20
N PRO A 228 10.27 15.01 -7.54
CA PRO A 228 9.94 16.14 -6.65
C PRO A 228 10.48 16.04 -5.24
N VAL A 229 11.15 14.95 -4.87
CA VAL A 229 11.55 14.70 -3.50
C VAL A 229 13.00 14.26 -3.49
N VAL A 230 13.73 14.66 -2.45
CA VAL A 230 15.09 14.18 -2.18
C VAL A 230 15.06 13.49 -0.83
N MET A 231 15.56 12.25 -0.79
CA MET A 231 15.64 11.48 0.45
C MET A 231 17.02 10.85 0.54
N ASN A 232 17.73 11.12 1.64
CA ASN A 232 19.08 10.60 1.86
C ASN A 232 20.03 10.96 0.73
N GLY A 233 19.86 12.15 0.15
CA GLY A 233 20.69 12.57 -0.95
C GLY A 233 20.32 11.99 -2.30
N LYS A 234 19.30 11.16 -2.37
CA LYS A 234 18.86 10.55 -3.62
C LYS A 234 17.48 11.06 -3.97
N GLU A 235 17.23 11.22 -5.27
CA GLU A 235 15.93 11.67 -5.74
C GLU A 235 14.91 10.54 -5.62
N ASP A 236 13.64 10.92 -5.46
CA ASP A 236 12.59 9.95 -5.28
C ASP A 236 11.24 10.56 -5.59
N VAL A 237 10.29 9.71 -5.96
CA VAL A 237 8.93 10.12 -6.28
C VAL A 237 8.12 10.27 -5.00
N LEU A 238 6.92 10.84 -5.12
CA LEU A 238 6.04 10.96 -3.98
C LEU A 238 5.53 9.59 -3.53
N TRP A 239 5.18 9.51 -2.26
CA TRP A 239 4.61 8.31 -1.66
C TRP A 239 3.10 8.40 -1.60
N CYS A 240 2.46 7.23 -1.45
CA CYS A 240 1.00 7.18 -1.43
C CYS A 240 0.42 7.98 -0.27
N THR A 241 1.03 7.87 0.91
CA THR A 241 0.59 8.69 2.04
C THR A 241 0.82 10.16 1.79
N GLU A 242 1.79 10.50 0.94
CA GLU A 242 2.05 11.89 0.61
C GLU A 242 1.06 12.41 -0.43
N LEU A 243 0.70 11.57 -1.40
CA LEU A 243 -0.35 11.92 -2.35
C LEU A 243 -1.67 12.18 -1.63
N GLU A 244 -1.95 11.41 -0.57
CA GLU A 244 -3.19 11.62 0.18
C GLU A 244 -3.17 12.97 0.88
N ARG A 245 -2.06 13.31 1.53
CA ARG A 245 -1.97 14.60 2.21
C ARG A 245 -2.06 15.76 1.24
N ILE A 246 -1.55 15.59 0.02
CA ILE A 246 -1.66 16.62 -1.00
C ILE A 246 -3.11 16.87 -1.35
N PHE A 247 -3.90 15.81 -1.52
CA PHE A 247 -5.31 15.93 -1.86
C PHE A 247 -6.18 16.30 -0.65
N GLY A 248 -5.65 16.22 0.57
CA GLY A 248 -6.43 16.50 1.75
C GLY A 248 -7.10 15.30 2.37
N PHE A 249 -6.93 14.12 1.79
CA PHE A 249 -7.51 12.91 2.37
C PHE A 249 -6.74 12.51 3.63
N PRO A 250 -7.38 11.79 4.54
CA PRO A 250 -6.66 11.29 5.72
C PRO A 250 -5.53 10.35 5.32
N VAL A 251 -4.53 10.25 6.18
CA VAL A 251 -3.41 9.38 5.88
C VAL A 251 -3.88 7.93 5.88
N HIS A 252 -3.36 7.15 4.93
CA HIS A 252 -3.72 5.74 4.77
C HIS A 252 -5.20 5.57 4.40
N TYR A 253 -5.76 6.57 3.71
CA TYR A 253 -7.15 6.50 3.31
C TYR A 253 -7.36 5.50 2.18
N THR A 254 -6.32 5.26 1.36
CA THR A 254 -6.40 4.33 0.25
C THR A 254 -5.57 3.07 0.51
N ASP A 255 -5.27 2.77 1.77
CA ASP A 255 -4.59 1.53 2.15
C ASP A 255 -5.62 0.41 2.31
N VAL A 256 -6.31 0.12 1.21
CA VAL A 256 -7.40 -0.85 1.18
C VAL A 256 -7.16 -1.83 0.05
N SER A 257 -7.70 -3.04 0.21
CA SER A 257 -7.82 -4.03 -0.86
C SER A 257 -6.47 -4.42 -1.45
N ASN A 258 -5.42 -4.40 -0.63
CA ASN A 258 -4.06 -4.77 -1.06
C ASN A 258 -3.63 -3.94 -2.27
N MET A 259 -4.08 -2.69 -2.34
CA MET A 259 -3.74 -1.83 -3.45
C MET A 259 -2.28 -1.40 -3.37
N GLY A 260 -1.63 -1.31 -4.53
CA GLY A 260 -0.26 -0.87 -4.63
C GLY A 260 -0.15 0.61 -4.96
N ARG A 261 1.03 1.00 -5.44
CA ARG A 261 1.28 2.40 -5.76
CA ARG A 261 1.28 2.40 -5.76
C ARG A 261 0.38 2.86 -6.91
N GLY A 262 0.45 2.17 -8.04
CA GLY A 262 -0.32 2.59 -9.21
C GLY A 262 -1.81 2.58 -8.97
N ALA A 263 -2.29 1.62 -8.17
CA ALA A 263 -3.72 1.53 -7.90
C ALA A 263 -4.21 2.70 -7.06
N ARG A 264 -3.46 3.04 -6.01
CA ARG A 264 -3.88 4.14 -5.14
C ARG A 264 -3.78 5.48 -5.88
N GLN A 265 -2.77 5.64 -6.73
CA GLN A 265 -2.67 6.89 -7.48
C GLN A 265 -3.79 7.01 -8.51
N LYS A 266 -4.30 5.89 -8.99
CA LYS A 266 -5.41 5.93 -9.95
C LYS A 266 -6.68 6.45 -9.29
N LEU A 267 -6.95 6.03 -8.06
CA LEU A 267 -8.14 6.53 -7.36
C LEU A 267 -7.96 7.96 -6.91
N LEU A 268 -6.75 8.35 -6.52
CA LEU A 268 -6.51 9.72 -6.07
C LEU A 268 -6.49 10.71 -7.23
N GLY A 269 -5.97 10.30 -8.38
CA GLY A 269 -5.96 11.19 -9.54
C GLY A 269 -7.34 11.57 -10.00
N ARG A 270 -8.31 10.66 -9.89
CA ARG A 270 -9.68 10.96 -10.29
C ARG A 270 -10.39 11.85 -9.26
N SER A 271 -9.89 11.86 -8.02
CA SER A 271 -10.70 12.35 -6.91
C SER A 271 -10.80 13.87 -6.93
N TRP A 272 -11.44 14.39 -5.88
CA TRP A 272 -11.57 15.82 -5.66
C TRP A 272 -10.55 16.26 -4.61
N SER A 273 -10.25 17.55 -4.62
CA SER A 273 -9.42 18.14 -3.58
C SER A 273 -10.29 18.33 -2.34
N VAL A 274 -9.96 17.62 -1.27
CA VAL A 274 -10.79 17.66 -0.05
C VAL A 274 -11.02 19.08 0.46
N PRO A 275 -10.00 19.93 0.61
CA PRO A 275 -10.27 21.29 1.13
C PRO A 275 -11.08 22.15 0.16
N VAL A 276 -11.08 21.83 -1.13
CA VAL A 276 -11.94 22.55 -2.07
C VAL A 276 -13.39 22.17 -1.87
N ILE A 277 -13.66 20.86 -1.74
CA ILE A 277 -15.03 20.41 -1.50
C ILE A 277 -15.52 20.89 -0.15
N ARG A 278 -14.61 20.97 0.84
CA ARG A 278 -14.98 21.53 2.14
C ARG A 278 -15.40 22.99 2.00
N HIS A 279 -14.69 23.74 1.15
CA HIS A 279 -15.07 25.13 0.91
C HIS A 279 -16.45 25.23 0.27
N LEU A 280 -16.84 24.25 -0.54
CA LEU A 280 -18.13 24.30 -1.21
C LEU A 280 -19.26 23.82 -0.31
N PHE A 281 -19.01 22.79 0.49
CA PHE A 281 -20.03 22.24 1.36
C PHE A 281 -20.14 22.96 2.70
N ALA A 282 -19.24 23.91 2.98
CA ALA A 282 -19.26 24.60 4.27
C ALA A 282 -20.59 25.30 4.57
N PRO A 283 -21.23 26.05 3.63
CA PRO A 283 -22.45 26.76 4.03
C PRO A 283 -23.67 25.86 4.15
N LEU A 284 -23.46 24.56 4.02
CA LEU A 284 -24.56 23.62 4.24
C LEU A 284 -24.80 23.32 5.71
N LYS A 285 -23.89 23.75 6.60
CA LYS A 285 -24.07 23.51 8.03
C LYS A 285 -25.25 24.28 8.60
N ASP A 286 -25.69 25.35 7.95
CA ASP A 286 -26.81 26.14 8.40
C ASP A 286 -28.14 25.70 7.78
N TYR A 287 -28.18 24.50 7.21
CA TYR A 287 -29.42 23.94 6.66
C TYR A 287 -29.70 22.52 7.11
N PHE A 288 -28.77 21.87 7.81
CA PHE A 288 -28.95 20.48 8.23
C PHE A 288 -28.36 20.30 9.62
N ALA A 289 -28.71 19.18 10.25
CA ALA A 289 -28.34 18.94 11.63
C ALA A 289 -26.84 18.72 11.76
N CYS A 290 -26.34 18.92 12.97
CA CYS A 290 -24.93 18.75 13.31
C CYS A 290 -24.78 17.69 14.38
N GLU A 291 -23.52 17.37 14.69
CA GLU A 291 -23.22 16.35 15.70
C GLU A 291 -21.92 16.68 16.41
N PHE B 2 -55.32 10.52 -20.27
CA PHE B 2 -55.91 11.66 -20.98
C PHE B 2 -57.27 11.31 -21.58
N GLU B 3 -58.31 11.95 -21.06
CA GLU B 3 -59.66 11.68 -21.53
C GLU B 3 -59.88 12.30 -22.91
N THR B 4 -60.95 11.87 -23.56
CA THR B 4 -61.30 12.37 -24.88
C THR B 4 -62.07 13.68 -24.77
N VAL B 5 -61.88 14.54 -25.76
CA VAL B 5 -62.40 15.89 -25.76
C VAL B 5 -63.51 16.00 -26.80
N PRO B 6 -64.65 16.61 -26.48
CA PRO B 6 -65.70 16.80 -27.49
C PRO B 6 -65.23 17.65 -28.66
N VAL B 7 -65.94 17.51 -29.80
CA VAL B 7 -65.50 18.11 -31.05
C VAL B 7 -65.61 19.63 -31.02
N TRP B 8 -66.62 20.16 -30.33
CA TRP B 8 -66.84 21.60 -30.27
C TRP B 8 -65.88 22.31 -29.32
N ARG B 9 -64.86 21.62 -28.81
CA ARG B 9 -63.93 22.19 -27.84
C ARG B 9 -62.47 22.01 -28.25
N ARG B 10 -62.20 21.40 -29.39
CA ARG B 10 -60.84 21.02 -29.78
C ARG B 10 -60.12 22.23 -30.36
N GLN B 11 -59.14 22.75 -29.63
CA GLN B 11 -58.34 23.88 -30.09
C GLN B 11 -57.30 23.41 -31.11
N PRO B 12 -56.82 24.31 -31.96
CA PRO B 12 -55.78 23.93 -32.92
C PRO B 12 -54.45 23.66 -32.22
N VAL B 13 -53.64 22.79 -32.85
CA VAL B 13 -52.37 22.39 -32.27
C VAL B 13 -51.40 23.56 -32.22
N ARG B 14 -50.50 23.53 -31.24
CA ARG B 14 -49.36 24.43 -31.13
C ARG B 14 -48.12 23.56 -31.06
N VAL B 15 -47.58 23.22 -32.23
CA VAL B 15 -46.54 22.21 -32.36
C VAL B 15 -45.17 22.88 -32.24
N LEU B 16 -44.19 22.09 -31.81
CA LEU B 16 -42.79 22.50 -31.82
C LEU B 16 -42.00 21.42 -32.55
N SER B 17 -41.59 21.72 -33.77
CA SER B 17 -40.88 20.76 -34.61
C SER B 17 -39.37 20.96 -34.45
N LEU B 18 -38.66 19.88 -34.13
CA LEU B 18 -37.23 19.92 -33.88
C LEU B 18 -36.49 19.06 -34.90
N PHE B 19 -35.46 19.65 -35.50
CA PHE B 19 -34.47 19.03 -36.39
C PHE B 19 -35.02 18.70 -37.77
N GLU B 20 -36.34 18.81 -37.97
CA GLU B 20 -36.98 18.45 -39.22
C GLU B 20 -38.32 19.17 -39.28
N ASP B 21 -38.59 19.87 -40.38
CA ASP B 21 -39.83 20.63 -40.50
C ASP B 21 -40.95 19.69 -40.94
N ILE B 22 -42.00 19.61 -40.14
CA ILE B 22 -43.17 18.80 -40.48
C ILE B 22 -44.38 19.68 -40.77
N LYS B 23 -44.15 20.93 -41.15
CA LYS B 23 -45.26 21.81 -41.51
C LYS B 23 -46.00 21.28 -42.73
N LYS B 24 -45.27 20.79 -43.72
CA LYS B 24 -45.90 20.22 -44.91
C LYS B 24 -46.61 18.91 -44.62
N GLU B 25 -46.25 18.21 -43.53
CA GLU B 25 -46.89 16.98 -43.12
C GLU B 25 -48.14 17.21 -42.27
N LEU B 26 -48.07 18.13 -41.29
CA LEU B 26 -49.23 18.39 -40.45
C LEU B 26 -50.33 19.16 -41.19
N THR B 27 -49.94 20.07 -42.10
CA THR B 27 -50.93 20.75 -42.92
C THR B 27 -51.68 19.77 -43.81
N SER B 28 -50.97 18.77 -44.35
CA SER B 28 -51.60 17.82 -45.26
C SER B 28 -52.63 16.96 -44.54
N LEU B 29 -52.31 16.52 -43.32
CA LEU B 29 -53.25 15.71 -42.54
C LEU B 29 -54.34 16.54 -41.89
N GLY B 30 -54.26 17.86 -41.94
CA GLY B 30 -55.32 18.71 -41.46
C GLY B 30 -55.25 19.08 -39.99
N PHE B 31 -54.06 19.45 -39.51
CA PHE B 31 -53.89 19.94 -38.16
C PHE B 31 -53.57 21.42 -38.11
N LEU B 32 -52.82 21.94 -39.07
CA LEU B 32 -52.45 23.34 -39.13
C LEU B 32 -53.40 24.10 -40.06
N GLU B 33 -53.25 25.42 -40.04
CA GLU B 33 -54.13 26.32 -40.77
C GLU B 33 -53.44 26.82 -42.03
N SER B 34 -54.25 27.04 -43.08
CA SER B 34 -53.71 27.46 -44.36
C SER B 34 -53.09 28.85 -44.26
N GLY B 35 -53.87 29.84 -43.83
CA GLY B 35 -53.38 31.20 -43.69
C GLY B 35 -52.17 31.27 -42.77
N SER B 36 -51.09 31.88 -43.24
CA SER B 36 -49.87 31.95 -42.46
C SER B 36 -49.95 33.13 -41.48
N ASP B 37 -50.83 32.96 -40.52
CA ASP B 37 -51.04 33.97 -39.51
C ASP B 37 -49.98 33.74 -38.43
N PRO B 38 -49.99 34.52 -37.35
CA PRO B 38 -48.93 34.32 -36.36
C PRO B 38 -48.88 32.91 -35.77
N GLY B 39 -50.04 32.33 -35.49
CA GLY B 39 -50.05 31.07 -34.76
C GLY B 39 -49.89 29.88 -35.69
N GLN B 40 -48.83 29.09 -35.43
CA GLN B 40 -48.76 27.63 -35.64
C GLN B 40 -47.39 27.15 -35.17
N LEU B 41 -47.05 25.91 -35.52
CA LEU B 41 -45.77 25.30 -35.14
C LEU B 41 -44.60 26.27 -35.31
N LYS B 42 -43.56 26.04 -34.51
CA LYS B 42 -42.28 26.72 -34.65
C LYS B 42 -41.21 25.68 -34.97
N HIS B 43 -40.22 26.06 -35.78
CA HIS B 43 -39.23 25.11 -36.29
C HIS B 43 -37.83 25.64 -36.05
N VAL B 44 -37.01 24.84 -35.38
CA VAL B 44 -35.63 25.19 -35.05
C VAL B 44 -34.72 24.04 -35.49
N VAL B 45 -33.53 24.36 -35.98
CA VAL B 45 -32.59 23.35 -36.46
C VAL B 45 -31.48 23.12 -35.44
N ASP B 46 -30.77 24.19 -35.07
CA ASP B 46 -29.67 24.12 -34.11
C ASP B 46 -30.12 24.76 -32.81
N VAL B 47 -30.33 23.95 -31.78
CA VAL B 47 -30.85 24.42 -30.50
C VAL B 47 -29.74 24.61 -29.47
N THR B 48 -28.47 24.64 -29.91
CA THR B 48 -27.35 24.71 -28.97
C THR B 48 -27.41 25.96 -28.11
N ASP B 49 -28.05 27.02 -28.59
CA ASP B 49 -28.10 28.30 -27.89
C ASP B 49 -29.53 28.72 -27.59
N THR B 50 -30.38 27.76 -27.25
CA THR B 50 -31.76 28.02 -26.86
C THR B 50 -31.93 27.71 -25.38
N VAL B 51 -32.58 28.62 -24.65
CA VAL B 51 -32.73 28.50 -23.21
C VAL B 51 -34.21 28.27 -22.89
N ARG B 52 -34.49 28.02 -21.61
CA ARG B 52 -35.86 27.79 -21.17
C ARG B 52 -36.73 29.00 -21.44
N LYS B 53 -36.19 30.21 -21.29
CA LYS B 53 -36.97 31.41 -21.56
C LYS B 53 -37.39 31.50 -23.02
N ASP B 54 -36.57 30.98 -23.94
CA ASP B 54 -36.95 30.98 -25.35
C ASP B 54 -38.16 30.10 -25.60
N VAL B 55 -38.14 28.88 -25.05
CA VAL B 55 -39.25 27.95 -25.27
C VAL B 55 -40.52 28.47 -24.62
N GLU B 56 -40.42 29.03 -23.41
CA GLU B 56 -41.62 29.48 -22.71
C GLU B 56 -42.27 30.66 -23.41
N GLU B 57 -41.47 31.61 -23.92
CA GLU B 57 -42.04 32.78 -24.56
C GLU B 57 -42.58 32.47 -25.95
N TRP B 58 -42.21 31.33 -26.53
CA TRP B 58 -42.75 30.91 -27.81
C TRP B 58 -44.17 30.38 -27.70
N GLY B 59 -44.84 30.57 -26.56
CA GLY B 59 -46.20 30.11 -26.40
C GLY B 59 -46.27 28.71 -25.84
N PRO B 60 -47.32 28.41 -25.08
CA PRO B 60 -47.51 27.04 -24.60
C PRO B 60 -47.68 26.10 -25.79
N PHE B 61 -47.05 24.93 -25.68
CA PHE B 61 -47.05 23.95 -26.75
C PHE B 61 -47.92 22.76 -26.39
N ASP B 62 -48.56 22.18 -27.42
CA ASP B 62 -49.36 20.98 -27.28
C ASP B 62 -48.70 19.74 -27.85
N LEU B 63 -47.74 19.90 -28.76
CA LEU B 63 -47.02 18.79 -29.37
C LEU B 63 -45.56 19.17 -29.54
N VAL B 64 -44.67 18.27 -29.15
CA VAL B 64 -43.23 18.46 -29.30
C VAL B 64 -42.69 17.29 -30.12
N TYR B 65 -42.22 17.59 -31.33
CA TYR B 65 -41.78 16.56 -32.27
C TYR B 65 -40.26 16.48 -32.29
N GLY B 66 -39.75 15.27 -32.39
CA GLY B 66 -38.32 15.04 -32.48
C GLY B 66 -38.01 14.05 -33.58
N ALA B 67 -36.93 14.31 -34.31
CA ALA B 67 -36.58 13.46 -35.43
C ALA B 67 -35.10 13.57 -35.73
N THR B 68 -34.51 12.47 -36.21
CA THR B 68 -33.12 12.43 -36.64
C THR B 68 -33.04 12.44 -38.17
N PRO B 69 -31.94 12.91 -38.74
CA PRO B 69 -31.80 12.93 -40.20
C PRO B 69 -31.88 11.53 -40.79
N PRO B 70 -32.67 11.34 -41.85
CA PRO B 70 -32.88 9.99 -42.39
C PRO B 70 -31.78 9.54 -43.35
N LEU B 71 -30.68 9.00 -42.82
CA LEU B 71 -29.57 8.51 -43.64
C LEU B 71 -28.99 9.62 -44.51
N GLY B 72 -28.99 10.83 -43.95
CA GLY B 72 -28.58 12.02 -44.67
C GLY B 72 -27.10 12.06 -45.03
N HIS B 73 -26.25 11.38 -44.25
CA HIS B 73 -24.80 11.39 -44.41
C HIS B 73 -24.19 12.79 -44.32
N THR B 74 -24.98 13.77 -43.86
CA THR B 74 -24.51 15.15 -43.75
C THR B 74 -24.59 15.59 -42.30
N CYS B 75 -24.12 14.74 -41.40
CA CYS B 75 -24.28 14.93 -39.96
C CYS B 75 -23.02 15.58 -39.39
N ASP B 76 -23.12 16.87 -39.07
CA ASP B 76 -22.08 17.52 -38.28
C ASP B 76 -22.22 17.19 -36.80
N ARG B 77 -23.34 16.57 -36.41
CA ARG B 77 -23.69 16.20 -35.04
C ARG B 77 -23.62 14.68 -34.87
N PRO B 78 -23.17 14.21 -33.72
CA PRO B 78 -23.21 12.78 -33.42
C PRO B 78 -24.65 12.28 -33.32
N PRO B 79 -24.88 10.99 -33.56
CA PRO B 79 -26.26 10.50 -33.53
C PRO B 79 -26.99 10.74 -32.23
N SER B 80 -26.29 10.59 -31.09
CA SER B 80 -26.94 10.77 -29.80
C SER B 80 -27.26 12.23 -29.50
N TRP B 81 -26.63 13.17 -30.20
CA TRP B 81 -26.83 14.59 -29.90
C TRP B 81 -28.28 15.00 -30.11
N TYR B 82 -28.95 14.41 -31.10
CA TYR B 82 -30.33 14.77 -31.38
C TYR B 82 -31.26 14.34 -30.25
N LEU B 83 -30.94 13.25 -29.56
CA LEU B 83 -31.78 12.77 -28.47
C LEU B 83 -31.63 13.62 -27.21
N PHE B 84 -30.38 13.85 -26.79
CA PHE B 84 -30.15 14.62 -25.56
C PHE B 84 -30.71 16.03 -25.67
N GLN B 85 -30.56 16.67 -26.84
CA GLN B 85 -31.10 18.01 -27.01
C GLN B 85 -32.62 17.99 -27.07
N PHE B 86 -33.21 16.96 -27.69
CA PHE B 86 -34.65 16.81 -27.67
C PHE B 86 -35.18 16.65 -26.25
N HIS B 87 -34.41 15.98 -25.39
CA HIS B 87 -34.81 15.83 -23.99
C HIS B 87 -34.78 17.18 -23.30
N ARG B 88 -33.67 17.91 -23.41
CA ARG B 88 -33.49 19.15 -22.67
C ARG B 88 -34.63 20.14 -22.95
N LEU B 89 -35.04 20.26 -24.20
CA LEU B 89 -36.08 21.21 -24.56
C LEU B 89 -37.48 20.73 -24.18
N LEU B 90 -37.68 19.41 -24.12
CA LEU B 90 -39.00 18.89 -23.80
C LEU B 90 -39.44 19.31 -22.40
N GLN B 91 -38.53 19.25 -21.42
CA GLN B 91 -38.87 19.66 -20.07
C GLN B 91 -39.02 21.17 -19.95
N TYR B 92 -38.55 21.92 -20.94
CA TYR B 92 -38.85 23.36 -20.98
C TYR B 92 -40.26 23.62 -21.47
N ALA B 93 -40.80 22.73 -22.32
CA ALA B 93 -42.11 22.89 -22.93
C ALA B 93 -43.25 22.40 -22.05
N ARG B 94 -42.98 21.49 -21.12
CA ARG B 94 -44.06 20.91 -20.31
C ARG B 94 -44.64 21.97 -19.39
N PRO B 95 -45.97 22.09 -19.31
CA PRO B 95 -46.58 23.16 -18.52
C PRO B 95 -46.58 22.89 -17.02
N LYS B 96 -47.28 23.74 -16.28
CA LYS B 96 -47.50 23.59 -14.84
C LYS B 96 -47.95 22.17 -14.51
N PRO B 97 -47.67 21.66 -13.31
CA PRO B 97 -48.06 20.28 -12.99
C PRO B 97 -49.54 19.99 -13.18
N GLY B 98 -50.41 20.95 -12.87
CA GLY B 98 -51.83 20.76 -13.07
C GLY B 98 -52.22 21.01 -14.51
N SER B 99 -51.90 20.03 -15.37
CA SER B 99 -52.08 20.18 -16.81
C SER B 99 -53.55 20.43 -17.14
N PRO B 100 -53.89 21.57 -17.75
CA PRO B 100 -55.29 21.81 -18.14
C PRO B 100 -55.73 20.92 -19.28
N ARG B 101 -54.89 20.84 -20.31
CA ARG B 101 -55.21 20.28 -21.62
C ARG B 101 -54.24 19.15 -21.96
N PRO B 102 -54.43 18.47 -23.09
CA PRO B 102 -53.49 17.40 -23.46
C PRO B 102 -52.13 17.96 -23.81
N PHE B 103 -51.10 17.14 -23.55
CA PHE B 103 -49.72 17.48 -23.89
C PHE B 103 -49.05 16.24 -24.45
N PHE B 104 -48.65 16.30 -25.72
CA PHE B 104 -48.08 15.16 -26.42
C PHE B 104 -46.65 15.44 -26.87
N TRP B 105 -45.88 14.36 -27.05
CA TRP B 105 -44.51 14.44 -27.52
C TRP B 105 -44.19 13.15 -28.25
N MET B 106 -43.25 13.24 -29.19
CA MET B 106 -42.80 12.05 -29.90
C MET B 106 -41.41 12.29 -30.47
N PHE B 107 -40.66 11.20 -30.61
CA PHE B 107 -39.31 11.22 -31.17
C PHE B 107 -39.20 10.11 -32.20
N VAL B 108 -38.63 10.44 -33.36
CA VAL B 108 -38.56 9.52 -34.49
C VAL B 108 -37.10 9.35 -34.89
N ASP B 109 -36.68 8.10 -35.06
CA ASP B 109 -35.33 7.76 -35.49
C ASP B 109 -35.41 6.95 -36.77
N ASN B 110 -34.76 7.44 -37.83
CA ASN B 110 -34.76 6.75 -39.13
C ASN B 110 -33.53 5.85 -39.26
N LEU B 111 -33.43 4.90 -38.33
CA LEU B 111 -32.36 3.89 -38.30
C LEU B 111 -30.99 4.56 -38.26
N VAL B 112 -30.83 5.50 -37.35
CA VAL B 112 -29.56 6.19 -37.14
C VAL B 112 -28.95 5.84 -35.79
N LEU B 113 -29.77 5.72 -34.75
CA LEU B 113 -29.28 5.36 -33.43
C LEU B 113 -28.92 3.88 -33.38
N ASN B 114 -27.67 3.58 -33.04
CA ASN B 114 -27.21 2.21 -32.94
C ASN B 114 -27.76 1.59 -31.65
N LYS B 115 -27.34 0.36 -31.35
CA LYS B 115 -27.85 -0.32 -30.15
C LYS B 115 -27.51 0.43 -28.88
N GLU B 116 -26.27 0.93 -28.77
CA GLU B 116 -25.87 1.63 -27.55
C GLU B 116 -26.67 2.92 -27.35
N ASP B 117 -26.89 3.67 -28.44
CA ASP B 117 -27.70 4.88 -28.34
C ASP B 117 -29.18 4.58 -28.13
N LEU B 118 -29.62 3.37 -28.50
CA LEU B 118 -31.05 3.07 -28.44
C LEU B 118 -31.52 2.93 -27.01
N ASP B 119 -30.83 2.12 -26.20
CA ASP B 119 -31.23 1.94 -24.81
C ASP B 119 -31.11 3.22 -24.00
N VAL B 120 -30.24 4.14 -24.43
CA VAL B 120 -30.17 5.45 -23.80
C VAL B 120 -31.43 6.25 -24.08
N ALA B 121 -31.95 6.15 -25.31
CA ALA B 121 -33.17 6.87 -25.66
C ALA B 121 -34.37 6.33 -24.89
N SER B 122 -34.41 5.02 -24.66
CA SER B 122 -35.52 4.45 -23.91
C SER B 122 -35.45 4.81 -22.43
N ARG B 123 -34.24 4.91 -21.88
CA ARG B 123 -34.10 5.26 -20.47
C ARG B 123 -34.52 6.71 -20.21
N PHE B 124 -34.14 7.61 -21.11
CA PHE B 124 -34.45 9.03 -20.91
C PHE B 124 -35.88 9.37 -21.25
N LEU B 125 -36.47 8.69 -22.23
CA LEU B 125 -37.87 8.88 -22.58
C LEU B 125 -38.79 7.91 -21.86
N GLU B 126 -38.25 7.07 -20.97
CA GLU B 126 -39.04 6.21 -20.09
C GLU B 126 -39.97 5.30 -20.87
N MET B 127 -39.49 4.79 -22.01
CA MET B 127 -40.33 4.02 -22.91
C MET B 127 -39.51 3.28 -23.97
N GLU B 128 -39.80 2.00 -24.19
CA GLU B 128 -39.15 1.27 -25.27
C GLU B 128 -39.87 1.61 -26.59
N PRO B 129 -39.12 1.79 -27.68
CA PRO B 129 -39.73 2.34 -28.90
C PRO B 129 -40.64 1.33 -29.59
N VAL B 130 -41.33 1.82 -30.63
CA VAL B 130 -42.20 1.03 -31.48
C VAL B 130 -41.75 1.22 -32.92
N THR B 131 -41.65 0.12 -33.67
CA THR B 131 -41.17 0.16 -35.05
C THR B 131 -42.35 0.28 -36.01
N ILE B 132 -42.28 1.25 -36.92
CA ILE B 132 -43.31 1.45 -37.93
C ILE B 132 -42.70 1.27 -39.31
N PRO B 133 -42.97 0.14 -39.99
CA PRO B 133 -42.34 -0.10 -41.28
C PRO B 133 -43.19 0.32 -42.48
N ASP B 134 -42.53 0.67 -43.59
CA ASP B 134 -43.19 0.83 -44.87
C ASP B 134 -42.32 0.33 -46.02
N VAL B 135 -41.24 -0.39 -45.72
CA VAL B 135 -40.22 -0.67 -46.73
C VAL B 135 -40.71 -1.69 -47.75
N HIS B 136 -41.27 -2.80 -47.26
CA HIS B 136 -41.78 -3.85 -48.14
C HIS B 136 -43.28 -4.05 -47.96
N GLY B 137 -44.03 -2.96 -47.87
CA GLY B 137 -45.47 -3.02 -47.99
C GLY B 137 -45.91 -3.23 -49.43
N GLY B 138 -45.52 -4.36 -50.01
CA GLY B 138 -45.75 -4.63 -51.41
C GLY B 138 -44.45 -4.82 -52.18
N ALA B 143 -38.63 2.71 -42.90
CA ALA B 143 -39.06 2.36 -41.54
C ALA B 143 -38.40 3.28 -40.52
N VAL B 144 -39.13 3.58 -39.44
CA VAL B 144 -38.66 4.48 -38.40
C VAL B 144 -39.12 3.97 -37.04
N ARG B 145 -38.28 4.20 -36.02
CA ARG B 145 -38.63 3.93 -34.64
C ARG B 145 -39.26 5.17 -34.02
N VAL B 146 -40.20 4.95 -33.10
CA VAL B 146 -41.00 6.03 -32.53
C VAL B 146 -41.10 5.86 -31.02
N TRP B 147 -40.63 6.85 -30.28
CA TRP B 147 -40.94 7.01 -28.86
C TRP B 147 -42.01 8.08 -28.74
N SER B 148 -43.13 7.74 -28.11
CA SER B 148 -44.24 8.69 -28.04
C SER B 148 -45.19 8.31 -26.93
N ASN B 149 -45.64 9.32 -26.17
CA ASN B 149 -46.67 9.14 -25.16
C ASN B 149 -48.07 9.16 -25.75
N ILE B 150 -48.20 9.30 -27.07
CA ILE B 150 -49.49 9.29 -27.75
C ILE B 150 -50.13 7.93 -27.56
N PRO B 151 -51.35 7.84 -27.02
CA PRO B 151 -51.89 6.53 -26.64
C PRO B 151 -52.06 5.55 -27.79
N ALA B 152 -52.76 5.94 -28.86
CA ALA B 152 -53.01 5.02 -29.96
C ALA B 152 -51.74 4.67 -30.73
N ILE B 153 -50.64 5.38 -30.52
CA ILE B 153 -49.36 4.94 -31.09
C ILE B 153 -48.74 3.86 -30.22
N ARG B 154 -49.00 3.88 -28.91
CA ARG B 154 -48.59 2.81 -28.01
C ARG B 154 -49.66 1.72 -27.88
N SER B 155 -50.85 1.93 -28.43
CA SER B 155 -51.94 0.95 -28.34
C SER B 155 -51.98 0.03 -29.55
N ARG B 156 -52.13 0.62 -30.75
CA ARG B 156 -52.17 -0.18 -31.97
C ARG B 156 -50.82 -0.83 -32.24
N HIS B 157 -50.85 -2.05 -32.74
CA HIS B 157 -49.64 -2.85 -32.97
C HIS B 157 -49.41 -2.98 -34.47
N TRP B 158 -48.26 -2.52 -34.94
CA TRP B 158 -47.87 -2.66 -36.33
C TRP B 158 -47.33 -4.06 -36.59
N ALA B 159 -47.01 -4.35 -37.84
CA ALA B 159 -46.49 -5.67 -38.19
C ALA B 159 -45.13 -5.91 -37.55
N LEU B 160 -44.99 -7.07 -36.91
CA LEU B 160 -43.73 -7.42 -36.26
C LEU B 160 -42.62 -7.56 -37.29
N VAL B 161 -41.47 -6.95 -36.99
CA VAL B 161 -40.32 -6.89 -37.90
C VAL B 161 -39.15 -7.61 -37.26
N SER B 162 -38.52 -8.51 -38.02
CA SER B 162 -37.34 -9.20 -37.54
C SER B 162 -36.18 -8.23 -37.38
N GLU B 163 -35.50 -8.29 -36.23
CA GLU B 163 -34.38 -7.39 -35.98
C GLU B 163 -33.19 -7.71 -36.88
N GLU B 164 -32.97 -9.00 -37.19
CA GLU B 164 -31.92 -9.36 -38.12
C GLU B 164 -32.21 -8.91 -39.54
N GLU B 165 -33.47 -8.56 -39.84
CA GLU B 165 -33.83 -8.08 -41.16
C GLU B 165 -33.75 -6.57 -41.30
N LEU B 166 -34.14 -5.83 -40.25
CA LEU B 166 -34.15 -4.37 -40.34
C LEU B 166 -32.73 -3.81 -40.43
N SER B 167 -31.79 -4.41 -39.70
CA SER B 167 -30.40 -3.97 -39.78
C SER B 167 -29.75 -4.39 -41.10
N LEU B 168 -30.27 -5.44 -41.74
CA LEU B 168 -29.75 -5.84 -43.04
C LEU B 168 -30.27 -4.95 -44.16
N LEU B 169 -31.53 -4.52 -44.07
CA LEU B 169 -32.09 -3.61 -45.06
C LEU B 169 -31.72 -2.15 -44.81
N ALA B 170 -31.13 -1.84 -43.65
CA ALA B 170 -30.77 -0.46 -43.35
C ALA B 170 -29.56 -0.01 -44.15
N GLN B 171 -28.43 -0.71 -44.00
CA GLN B 171 -27.21 -0.34 -44.69
C GLN B 171 -27.22 -0.76 -46.16
N ASN B 172 -28.00 -1.78 -46.53
CA ASN B 172 -28.13 -2.11 -47.95
C ASN B 172 -28.89 -1.03 -48.70
N LYS B 173 -29.73 -0.24 -48.02
CA LYS B 173 -30.35 0.92 -48.64
C LYS B 173 -29.41 2.12 -48.65
N GLN B 174 -28.51 2.20 -47.68
CA GLN B 174 -27.52 3.28 -47.59
C GLN B 174 -28.18 4.66 -47.59
N PRO B 183 -40.30 8.29 -44.44
CA PRO B 183 -40.19 9.19 -43.28
C PRO B 183 -41.33 10.19 -43.20
N THR B 184 -42.21 10.18 -44.19
CA THR B 184 -43.36 11.07 -44.22
C THR B 184 -44.68 10.33 -44.34
N LYS B 185 -44.74 9.27 -45.14
CA LYS B 185 -45.97 8.48 -45.28
C LYS B 185 -46.08 7.38 -44.23
N LEU B 186 -44.97 7.01 -43.60
CA LEU B 186 -45.01 6.02 -42.52
C LEU B 186 -45.42 6.66 -41.20
N VAL B 187 -44.81 7.81 -40.86
CA VAL B 187 -45.19 8.54 -39.65
C VAL B 187 -46.48 9.32 -39.85
N LYS B 188 -47.00 9.39 -41.08
CA LYS B 188 -48.32 9.99 -41.28
C LYS B 188 -49.38 9.21 -40.53
N ASN B 189 -49.29 7.89 -40.53
CA ASN B 189 -50.14 7.08 -39.68
C ASN B 189 -49.84 7.30 -38.19
N CYS B 190 -48.63 7.75 -37.86
CA CYS B 190 -48.31 8.06 -36.48
C CYS B 190 -48.94 9.38 -36.03
N PHE B 191 -49.10 10.33 -36.95
CA PHE B 191 -49.76 11.58 -36.64
C PHE B 191 -51.28 11.46 -36.63
N LEU B 192 -51.82 10.42 -37.28
CA LEU B 192 -53.25 10.18 -37.43
C LEU B 192 -54.04 10.30 -36.13
N PRO B 193 -53.74 9.51 -35.10
CA PRO B 193 -54.58 9.49 -33.90
C PRO B 193 -54.58 10.78 -33.10
N LEU B 194 -53.80 11.79 -33.47
CA LEU B 194 -53.85 13.08 -32.79
C LEU B 194 -55.06 13.91 -33.20
N ARG B 195 -55.80 13.50 -34.23
CA ARG B 195 -56.96 14.26 -34.67
C ARG B 195 -58.03 14.35 -33.59
N GLU B 196 -58.14 13.33 -32.75
CA GLU B 196 -59.21 13.29 -31.75
C GLU B 196 -59.09 14.44 -30.75
N TYR B 197 -57.89 14.89 -30.47
CA TYR B 197 -57.67 15.86 -29.40
C TYR B 197 -57.62 17.31 -29.87
N PHE B 198 -57.60 17.56 -31.18
CA PHE B 198 -57.43 18.91 -31.69
C PHE B 198 -58.33 19.11 -32.91
N LYS B 199 -58.31 20.33 -33.44
CA LYS B 199 -59.21 20.71 -34.52
C LYS B 199 -58.80 20.07 -35.84
N TYR B 200 -59.80 19.82 -36.69
CA TYR B 200 -59.62 19.19 -37.98
C TYR B 200 -59.90 20.21 -39.08
N PHE B 201 -58.90 20.49 -39.91
CA PHE B 201 -59.01 21.47 -40.97
C PHE B 201 -58.95 20.78 -42.33
N SER B 202 -59.74 21.29 -43.28
CA SER B 202 -59.81 20.71 -44.61
C SER B 202 -60.03 21.77 -45.68
N MET C 1 51.29 -5.84 27.16
CA MET C 1 52.71 -5.82 26.84
C MET C 1 53.39 -7.11 27.28
N PHE C 2 53.64 -7.99 26.33
CA PHE C 2 54.21 -9.32 26.61
C PHE C 2 55.73 -9.25 26.51
N GLU C 3 56.34 -8.72 27.57
CA GLU C 3 57.78 -8.58 27.60
C GLU C 3 58.45 -9.95 27.85
N THR C 4 59.75 -10.00 27.58
CA THR C 4 60.50 -11.23 27.74
C THR C 4 60.65 -11.58 29.22
N VAL C 5 60.82 -12.88 29.49
CA VAL C 5 60.85 -13.39 30.85
C VAL C 5 62.24 -13.97 31.13
N PRO C 6 62.81 -13.73 32.32
CA PRO C 6 64.11 -14.34 32.65
C PRO C 6 64.10 -15.85 32.53
N VAL C 7 65.26 -16.42 32.21
CA VAL C 7 65.34 -17.83 31.85
C VAL C 7 65.07 -18.72 33.06
N TRP C 8 65.49 -18.29 34.24
CA TRP C 8 65.32 -19.10 35.45
C TRP C 8 63.89 -19.09 35.98
N ARG C 9 62.98 -18.39 35.30
CA ARG C 9 61.58 -18.30 35.72
C ARG C 9 60.63 -18.90 34.69
N ARG C 10 61.13 -19.34 33.55
CA ARG C 10 60.29 -19.80 32.43
C ARG C 10 59.68 -21.15 32.78
N GLN C 11 58.40 -21.14 33.17
CA GLN C 11 57.67 -22.36 33.40
C GLN C 11 57.40 -23.09 32.09
N PRO C 12 57.20 -24.40 32.12
CA PRO C 12 56.91 -25.14 30.90
C PRO C 12 55.54 -24.81 30.35
N VAL C 13 55.39 -25.01 29.03
CA VAL C 13 54.13 -24.67 28.36
C VAL C 13 53.02 -25.61 28.81
N ARG C 14 51.79 -25.13 28.68
CA ARG C 14 50.59 -25.96 28.74
C ARG C 14 49.68 -25.51 27.61
N VAL C 15 49.56 -26.34 26.57
CA VAL C 15 48.95 -25.95 25.31
C VAL C 15 47.65 -26.72 25.11
N LEU C 16 46.84 -26.21 24.19
CA LEU C 16 45.59 -26.85 23.78
C LEU C 16 45.63 -27.00 22.26
N SER C 17 45.78 -28.24 21.81
CA SER C 17 45.85 -28.57 20.39
C SER C 17 44.47 -28.98 19.91
N LEU C 18 43.95 -28.23 18.92
CA LEU C 18 42.61 -28.43 18.41
C LEU C 18 42.65 -28.82 16.94
N PHE C 19 41.97 -29.92 16.61
CA PHE C 19 41.74 -30.48 15.27
C PHE C 19 42.98 -31.16 14.68
N GLU C 20 44.13 -31.00 15.35
CA GLU C 20 45.37 -31.62 14.93
C GLU C 20 46.25 -31.79 16.16
N ASP C 21 47.16 -32.75 16.10
CA ASP C 21 48.07 -33.03 17.20
C ASP C 21 49.45 -32.52 16.84
N ILE C 22 49.95 -31.57 17.64
CA ILE C 22 51.27 -31.01 17.44
C ILE C 22 52.22 -31.41 18.58
N LYS C 23 51.84 -32.43 19.36
CA LYS C 23 52.72 -32.90 20.43
C LYS C 23 54.02 -33.44 19.85
N LYS C 24 53.92 -34.35 18.87
CA LYS C 24 55.11 -34.87 18.21
C LYS C 24 55.91 -33.78 17.51
N GLU C 25 55.28 -32.64 17.21
CA GLU C 25 55.97 -31.52 16.61
C GLU C 25 56.52 -30.56 17.65
N LEU C 26 55.81 -30.38 18.77
CA LEU C 26 56.31 -29.53 19.83
C LEU C 26 57.40 -30.22 20.64
N THR C 27 57.35 -31.55 20.76
CA THR C 27 58.41 -32.30 21.40
C THR C 27 59.76 -32.02 20.74
N SER C 28 59.77 -32.03 19.40
CA SER C 28 61.03 -31.90 18.67
C SER C 28 61.73 -30.58 18.96
N LEU C 29 60.98 -29.55 19.33
CA LEU C 29 61.56 -28.27 19.73
C LEU C 29 61.79 -28.19 21.24
N GLY C 30 61.48 -29.23 21.99
CA GLY C 30 61.77 -29.26 23.41
C GLY C 30 60.91 -28.33 24.26
N PHE C 31 59.64 -28.18 23.92
CA PHE C 31 58.71 -27.42 24.75
C PHE C 31 58.08 -28.29 25.84
N LEU C 32 58.32 -29.59 25.82
CA LEU C 32 57.70 -30.48 26.79
C LEU C 32 58.51 -31.77 26.89
N GLU C 33 58.63 -32.28 28.12
CA GLU C 33 59.44 -33.47 28.37
C GLU C 33 58.78 -34.72 27.79
N SER C 34 59.61 -35.64 27.29
CA SER C 34 59.10 -36.89 26.77
C SER C 34 58.44 -37.73 27.85
N GLY C 35 58.91 -37.62 29.10
CA GLY C 35 58.24 -38.26 30.21
C GLY C 35 56.80 -37.81 30.32
N SER C 36 55.87 -38.76 30.32
CA SER C 36 54.44 -38.46 30.13
C SER C 36 53.82 -37.93 31.43
N ASP C 37 54.16 -36.69 31.74
CA ASP C 37 53.38 -35.94 32.70
C ASP C 37 52.04 -35.57 32.08
N PRO C 38 50.96 -35.51 32.88
CA PRO C 38 49.62 -35.44 32.28
C PRO C 38 49.23 -34.07 31.72
N GLY C 39 49.60 -33.00 32.41
CA GLY C 39 49.02 -31.70 32.14
C GLY C 39 49.63 -30.89 31.02
N GLN C 40 50.63 -31.41 30.31
CA GLN C 40 51.39 -30.55 29.41
C GLN C 40 50.62 -30.25 28.13
N LEU C 41 49.92 -31.23 27.56
CA LEU C 41 49.22 -31.04 26.31
C LEU C 41 47.86 -31.74 26.36
N LYS C 42 46.82 -31.02 25.94
CA LYS C 42 45.48 -31.55 25.81
C LYS C 42 45.07 -31.48 24.35
N HIS C 43 44.57 -32.59 23.82
CA HIS C 43 44.21 -32.70 22.42
C HIS C 43 42.78 -33.20 22.28
N VAL C 44 41.97 -32.47 21.51
CA VAL C 44 40.58 -32.81 21.27
C VAL C 44 40.33 -32.74 19.77
N VAL C 45 39.73 -33.79 19.21
CA VAL C 45 39.44 -33.84 17.78
C VAL C 45 38.03 -33.30 17.49
N ASP C 46 37.04 -33.68 18.28
CA ASP C 46 35.67 -33.23 18.10
C ASP C 46 35.28 -32.34 19.27
N VAL C 47 34.96 -31.08 18.97
CA VAL C 47 34.71 -30.08 19.99
C VAL C 47 33.22 -29.89 20.29
N THR C 48 32.33 -30.37 19.42
CA THR C 48 30.91 -30.06 19.42
C THR C 48 30.26 -30.04 20.80
N ASP C 49 30.66 -30.95 21.68
CA ASP C 49 29.98 -31.15 22.95
C ASP C 49 30.79 -30.67 24.16
N THR C 50 31.79 -29.82 23.94
CA THR C 50 32.62 -29.31 25.02
C THR C 50 32.10 -27.95 25.49
N VAL C 51 32.15 -27.73 26.79
CA VAL C 51 31.64 -26.53 27.43
C VAL C 51 32.78 -25.86 28.18
N ARG C 52 32.63 -24.55 28.42
CA ARG C 52 33.62 -23.77 29.15
C ARG C 52 34.07 -24.45 30.43
N LYS C 53 33.15 -25.15 31.11
CA LYS C 53 33.53 -25.88 32.32
C LYS C 53 34.56 -26.97 32.03
N ASP C 54 34.54 -27.55 30.83
CA ASP C 54 35.55 -28.53 30.47
C ASP C 54 36.92 -27.86 30.30
N VAL C 55 36.95 -26.73 29.58
CA VAL C 55 38.22 -26.06 29.31
C VAL C 55 38.84 -25.54 30.61
N GLU C 56 38.01 -25.02 31.52
CA GLU C 56 38.53 -24.46 32.76
C GLU C 56 39.09 -25.54 33.68
N GLU C 57 38.42 -26.70 33.75
CA GLU C 57 38.89 -27.78 34.61
C GLU C 57 40.09 -28.52 34.02
N TRP C 58 40.39 -28.30 32.73
CA TRP C 58 41.57 -28.89 32.10
C TRP C 58 42.85 -28.12 32.39
N GLY C 59 42.83 -27.30 33.45
CA GLY C 59 43.97 -26.51 33.82
C GLY C 59 44.08 -25.26 32.96
N PRO C 60 44.65 -24.20 33.52
CA PRO C 60 44.90 -22.99 32.73
C PRO C 60 45.82 -23.31 31.56
N PHE C 61 45.68 -22.53 30.49
CA PHE C 61 46.43 -22.74 29.28
C PHE C 61 47.29 -21.53 28.95
N ASP C 62 48.49 -21.79 28.45
CA ASP C 62 49.38 -20.73 27.97
C ASP C 62 49.38 -20.62 26.46
N LEU C 63 48.97 -21.67 25.74
CA LEU C 63 48.92 -21.66 24.29
C LEU C 63 47.66 -22.37 23.83
N VAL C 64 46.99 -21.79 22.83
CA VAL C 64 45.81 -22.37 22.20
C VAL C 64 46.05 -22.43 20.70
N TYR C 65 46.10 -23.64 20.15
CA TYR C 65 46.46 -23.85 18.76
C TYR C 65 45.24 -24.22 17.94
N GLY C 66 45.20 -23.74 16.72
CA GLY C 66 44.10 -24.01 15.81
C GLY C 66 44.64 -24.34 14.43
N ALA C 67 44.02 -25.34 13.79
CA ALA C 67 44.48 -25.82 12.50
C ALA C 67 43.33 -26.50 11.79
N THR C 68 43.29 -26.33 10.46
CA THR C 68 42.33 -26.97 9.58
C THR C 68 42.92 -28.25 9.00
N PRO C 69 42.08 -29.15 8.49
CA PRO C 69 42.58 -30.37 7.84
C PRO C 69 43.44 -30.03 6.63
N PRO C 70 44.53 -30.77 6.42
CA PRO C 70 45.48 -30.46 5.33
C PRO C 70 45.17 -31.16 4.01
N LEU C 71 44.11 -30.70 3.31
CA LEU C 71 43.73 -31.23 2.01
C LEU C 71 43.53 -32.75 2.03
N GLY C 72 43.16 -33.30 3.19
CA GLY C 72 42.95 -34.72 3.31
C GLY C 72 41.60 -35.23 2.83
N HIS C 73 40.68 -34.33 2.49
CA HIS C 73 39.33 -34.64 2.05
C HIS C 73 38.52 -35.43 3.09
N THR C 74 39.04 -35.58 4.31
CA THR C 74 38.30 -36.20 5.40
C THR C 74 37.49 -35.15 6.15
N CYS C 75 36.69 -34.39 5.40
CA CYS C 75 35.98 -33.23 5.92
C CYS C 75 34.48 -33.48 5.87
N ASP C 76 33.95 -33.97 7.00
CA ASP C 76 32.50 -33.97 7.19
C ASP C 76 31.95 -32.56 7.36
N ARG C 77 32.78 -31.64 7.84
CA ARG C 77 32.33 -30.34 8.29
C ARG C 77 32.77 -29.24 7.33
N PRO C 78 31.97 -28.17 7.23
CA PRO C 78 32.35 -27.01 6.40
C PRO C 78 33.65 -26.39 6.86
N PRO C 79 34.37 -25.70 5.97
CA PRO C 79 35.67 -25.13 6.37
C PRO C 79 35.56 -24.04 7.42
N SER C 80 34.45 -23.30 7.45
CA SER C 80 34.29 -22.26 8.46
C SER C 80 34.05 -22.82 9.85
N TRP C 81 33.65 -24.09 9.95
CA TRP C 81 33.37 -24.68 11.27
C TRP C 81 34.61 -24.71 12.14
N TYR C 82 35.78 -24.96 11.54
CA TYR C 82 37.01 -25.04 12.32
C TYR C 82 37.41 -23.69 12.90
N LEU C 83 37.06 -22.59 12.23
CA LEU C 83 37.37 -21.26 12.73
C LEU C 83 36.40 -20.85 13.84
N PHE C 84 35.10 -21.05 13.62
CA PHE C 84 34.10 -20.62 14.59
C PHE C 84 34.25 -21.37 15.91
N GLN C 85 34.52 -22.68 15.86
CA GLN C 85 34.71 -23.44 17.09
C GLN C 85 36.01 -23.05 17.79
N PHE C 86 37.05 -22.70 17.03
CA PHE C 86 38.29 -22.24 17.63
C PHE C 86 38.09 -20.92 18.37
N HIS C 87 37.24 -20.04 17.84
CA HIS C 87 36.97 -18.78 18.51
C HIS C 87 36.12 -18.98 19.75
N ARG C 88 35.26 -20.00 19.76
CA ARG C 88 34.39 -20.24 20.91
C ARG C 88 35.16 -20.72 22.13
N LEU C 89 36.23 -21.52 21.93
CA LEU C 89 37.03 -22.03 23.04
C LEU C 89 38.10 -21.07 23.50
N LEU C 90 38.62 -20.20 22.61
CA LEU C 90 39.62 -19.24 23.04
C LEU C 90 39.08 -18.33 24.12
N GLN C 91 37.81 -17.93 24.01
CA GLN C 91 37.20 -17.14 25.08
C GLN C 91 36.98 -17.97 26.33
N TYR C 92 36.84 -19.29 26.18
CA TYR C 92 36.74 -20.16 27.34
C TYR C 92 38.10 -20.31 28.03
N ALA C 93 39.17 -20.38 27.24
CA ALA C 93 40.52 -20.59 27.76
C ALA C 93 41.21 -19.30 28.19
N ARG C 94 40.69 -18.14 27.82
CA ARG C 94 41.34 -16.88 28.18
C ARG C 94 41.17 -16.64 29.68
N PRO C 95 42.22 -16.25 30.38
CA PRO C 95 42.12 -16.09 31.85
C PRO C 95 41.49 -14.77 32.26
N LYS C 96 41.49 -14.50 33.57
CA LYS C 96 41.00 -13.24 34.08
C LYS C 96 41.77 -12.08 33.44
N PRO C 97 41.16 -10.88 33.38
CA PRO C 97 41.83 -9.77 32.66
C PRO C 97 43.24 -9.46 33.14
N GLY C 98 43.47 -9.44 34.45
CA GLY C 98 44.82 -9.30 34.97
C GLY C 98 45.68 -10.47 34.54
N SER C 99 46.74 -10.19 33.79
CA SER C 99 47.54 -11.24 33.17
C SER C 99 48.67 -11.66 34.12
N PRO C 100 48.60 -12.84 34.72
CA PRO C 100 49.72 -13.28 35.56
C PRO C 100 50.93 -13.69 34.74
N ARG C 101 50.69 -14.38 33.61
CA ARG C 101 51.69 -15.00 32.77
C ARG C 101 51.36 -14.74 31.30
N PRO C 102 52.24 -15.09 30.37
CA PRO C 102 51.94 -14.86 28.95
C PRO C 102 50.89 -15.83 28.44
N PHE C 103 50.01 -15.33 27.60
CA PHE C 103 48.96 -16.11 26.93
C PHE C 103 49.11 -15.93 25.42
N PHE C 104 49.28 -17.04 24.71
CA PHE C 104 49.43 -17.01 23.26
C PHE C 104 48.38 -17.88 22.60
N TRP C 105 48.02 -17.53 21.36
CA TRP C 105 47.08 -18.32 20.58
C TRP C 105 47.51 -18.28 19.12
N MET C 106 47.16 -19.34 18.38
CA MET C 106 47.52 -19.44 16.98
C MET C 106 46.46 -20.24 16.24
N PHE C 107 46.10 -19.77 15.05
CA PHE C 107 45.22 -20.51 14.14
C PHE C 107 45.87 -20.52 12.77
N VAL C 108 46.13 -21.70 12.23
CA VAL C 108 46.73 -21.86 10.91
C VAL C 108 45.69 -22.46 9.97
N ASP C 109 45.83 -22.13 8.69
CA ASP C 109 44.94 -22.62 7.65
C ASP C 109 45.76 -23.23 6.51
N ASN C 110 45.39 -24.45 6.11
CA ASN C 110 46.11 -25.18 5.08
C ASN C 110 45.43 -24.99 3.71
N LEU C 111 45.20 -23.70 3.40
CA LEU C 111 44.64 -23.27 2.12
C LEU C 111 43.28 -23.92 1.83
N VAL C 112 42.46 -24.13 2.86
CA VAL C 112 41.11 -24.63 2.68
C VAL C 112 40.05 -23.57 2.89
N LEU C 113 40.43 -22.34 3.24
CA LEU C 113 39.49 -21.25 3.44
C LEU C 113 39.49 -20.35 2.21
N ASN C 114 38.32 -20.22 1.59
CA ASN C 114 38.17 -19.32 0.46
C ASN C 114 38.22 -17.86 0.93
N LYS C 115 38.17 -16.94 -0.04
CA LYS C 115 38.26 -15.51 0.29
C LYS C 115 37.14 -15.09 1.23
N GLU C 116 35.95 -15.67 1.07
CA GLU C 116 34.83 -15.35 1.96
C GLU C 116 35.14 -15.79 3.39
N ASP C 117 35.71 -16.98 3.56
CA ASP C 117 36.04 -17.46 4.90
C ASP C 117 37.25 -16.73 5.48
N LEU C 118 38.12 -16.20 4.63
CA LEU C 118 39.33 -15.54 5.12
C LEU C 118 39.00 -14.24 5.85
N ASP C 119 38.26 -13.35 5.20
CA ASP C 119 37.94 -12.07 5.82
C ASP C 119 37.05 -12.24 7.05
N VAL C 120 36.29 -13.34 7.11
CA VAL C 120 35.55 -13.64 8.34
C VAL C 120 36.52 -14.06 9.44
N ALA C 121 37.57 -14.80 9.09
CA ALA C 121 38.54 -15.24 10.08
C ALA C 121 39.35 -14.06 10.62
N SER C 122 39.85 -13.21 9.73
CA SER C 122 40.66 -12.08 10.19
C SER C 122 39.82 -11.09 11.00
N ARG C 123 38.51 -11.07 10.79
CA ARG C 123 37.65 -10.17 11.56
C ARG C 123 37.37 -10.71 12.95
N PHE C 124 37.14 -12.02 13.08
CA PHE C 124 36.91 -12.60 14.39
C PHE C 124 38.20 -12.67 15.19
N LEU C 125 39.33 -12.93 14.53
CA LEU C 125 40.63 -12.98 15.18
C LEU C 125 41.31 -11.62 15.22
N GLU C 126 40.68 -10.58 14.68
CA GLU C 126 41.09 -9.19 14.87
C GLU C 126 42.45 -8.88 14.27
N MET C 127 42.86 -9.62 13.23
CA MET C 127 44.11 -9.32 12.55
C MET C 127 44.14 -10.04 11.22
N GLU C 128 44.76 -9.41 10.23
CA GLU C 128 44.91 -10.04 8.93
C GLU C 128 46.00 -11.12 9.00
N PRO C 129 45.84 -12.21 8.26
CA PRO C 129 46.80 -13.32 8.37
C PRO C 129 48.10 -13.06 7.63
N VAL C 130 49.16 -13.69 8.12
CA VAL C 130 50.45 -13.73 7.46
C VAL C 130 50.60 -15.09 6.80
N THR C 131 51.31 -15.13 5.67
CA THR C 131 51.47 -16.33 4.88
C THR C 131 52.92 -16.81 4.96
N ILE C 132 53.10 -18.07 5.32
CA ILE C 132 54.40 -18.69 5.49
C ILE C 132 54.63 -19.68 4.36
N PRO C 133 55.59 -19.44 3.47
CA PRO C 133 55.82 -20.38 2.35
C PRO C 133 56.65 -21.57 2.78
N ASP C 134 56.18 -22.77 2.44
CA ASP C 134 56.90 -24.00 2.72
C ASP C 134 56.99 -24.94 1.52
N VAL C 135 56.23 -24.70 0.46
CA VAL C 135 56.14 -25.66 -0.63
C VAL C 135 57.34 -25.55 -1.58
N HIS C 136 57.79 -24.33 -1.86
CA HIS C 136 58.82 -24.10 -2.89
C HIS C 136 59.96 -23.27 -2.29
N GLY C 137 60.92 -23.96 -1.69
CA GLY C 137 62.19 -23.34 -1.38
C GLY C 137 63.16 -23.41 -2.54
N GLY C 138 63.02 -24.42 -3.40
CA GLY C 138 63.87 -24.56 -4.56
C GLY C 138 63.57 -25.83 -5.34
N ALA C 143 52.66 -24.33 2.28
CA ALA C 143 52.40 -22.94 2.62
C ALA C 143 51.10 -22.81 3.42
N VAL C 144 51.15 -22.02 4.50
CA VAL C 144 50.02 -21.89 5.41
C VAL C 144 49.84 -20.42 5.79
N ARG C 145 48.59 -20.04 6.01
CA ARG C 145 48.26 -18.74 6.60
C ARG C 145 48.14 -18.90 8.11
N VAL C 146 48.63 -17.90 8.85
CA VAL C 146 48.74 -17.99 10.30
C VAL C 146 48.12 -16.74 10.93
N TRP C 147 47.15 -16.95 11.82
CA TRP C 147 46.67 -15.91 12.72
C TRP C 147 47.23 -16.21 14.11
N SER C 148 47.92 -15.23 14.69
CA SER C 148 48.54 -15.45 16.00
C SER C 148 48.87 -14.12 16.65
N ASN C 149 48.73 -14.08 17.98
CA ASN C 149 49.11 -12.92 18.77
C ASN C 149 50.59 -12.93 19.16
N ILE C 150 51.30 -14.01 18.86
CA ILE C 150 52.73 -14.10 19.21
C ILE C 150 53.52 -13.07 18.40
N PRO C 151 54.37 -12.27 19.04
CA PRO C 151 54.97 -11.12 18.32
C PRO C 151 55.82 -11.52 17.11
N ALA C 152 56.72 -12.49 17.24
CA ALA C 152 57.63 -12.83 16.16
C ALA C 152 56.97 -13.61 15.02
N ILE C 153 55.65 -13.78 15.06
CA ILE C 153 54.87 -14.27 13.93
C ILE C 153 54.11 -13.15 13.25
N ARG C 154 54.23 -11.92 13.76
CA ARG C 154 53.81 -10.71 13.06
C ARG C 154 54.96 -9.71 12.94
N SER C 155 56.21 -10.18 13.06
CA SER C 155 57.37 -9.29 13.10
C SER C 155 58.30 -9.49 11.91
N ARG C 156 58.82 -10.70 11.70
CA ARG C 156 59.89 -10.87 10.73
C ARG C 156 59.34 -10.87 9.30
N HIS C 157 60.26 -10.73 8.35
CA HIS C 157 59.93 -10.58 6.93
C HIS C 157 60.12 -11.92 6.24
N TRP C 158 59.01 -12.60 5.98
CA TRP C 158 59.02 -13.84 5.22
C TRP C 158 58.98 -13.52 3.72
N ALA C 159 59.04 -14.56 2.89
CA ALA C 159 59.03 -14.38 1.44
C ALA C 159 57.66 -13.86 0.99
N LEU C 160 57.62 -12.60 0.55
CA LEU C 160 56.37 -11.98 0.10
C LEU C 160 55.99 -12.57 -1.26
N VAL C 161 55.04 -13.50 -1.25
CA VAL C 161 54.57 -14.15 -2.46
C VAL C 161 53.15 -13.68 -2.76
N SER C 162 52.78 -13.77 -4.04
CA SER C 162 51.53 -13.24 -4.53
C SER C 162 50.39 -14.25 -4.33
N GLU C 163 49.16 -13.77 -4.57
CA GLU C 163 47.99 -14.64 -4.48
C GLU C 163 47.80 -15.49 -5.72
N GLU C 164 48.20 -14.97 -6.90
CA GLU C 164 48.15 -15.79 -8.10
C GLU C 164 49.11 -16.96 -8.02
N GLU C 165 50.19 -16.83 -7.24
CA GLU C 165 51.08 -17.95 -6.99
C GLU C 165 50.48 -18.90 -5.96
N LEU C 166 49.75 -18.36 -4.96
CA LEU C 166 49.05 -19.21 -4.00
C LEU C 166 47.92 -19.97 -4.66
N SER C 167 47.28 -19.38 -5.68
CA SER C 167 46.23 -20.09 -6.41
C SER C 167 46.81 -21.23 -7.23
N LEU C 168 47.96 -21.01 -7.87
CA LEU C 168 48.58 -22.05 -8.66
C LEU C 168 49.13 -23.18 -7.79
N LEU C 169 49.60 -22.86 -6.59
CA LEU C 169 50.11 -23.89 -5.69
C LEU C 169 49.00 -24.78 -5.16
N ALA C 170 47.77 -24.28 -5.10
CA ALA C 170 46.65 -25.08 -4.62
C ALA C 170 46.12 -26.03 -5.68
N GLN C 171 46.23 -25.66 -6.95
CA GLN C 171 45.73 -26.48 -8.05
C GLN C 171 46.50 -27.79 -8.15
N THR C 184 56.20 -28.78 6.79
CA THR C 184 55.97 -28.72 8.23
C THR C 184 57.15 -28.04 8.92
N LYS C 185 58.27 -27.91 8.20
CA LYS C 185 59.44 -27.25 8.76
C LYS C 185 59.22 -25.75 8.88
N LEU C 186 58.43 -25.15 7.98
CA LEU C 186 58.15 -23.72 8.07
C LEU C 186 57.17 -23.41 9.19
N VAL C 187 56.15 -24.25 9.37
CA VAL C 187 55.24 -24.10 10.51
C VAL C 187 55.88 -24.53 11.81
N LYS C 188 57.07 -25.13 11.77
CA LYS C 188 57.86 -25.38 12.97
C LYS C 188 58.72 -24.19 13.36
N ASN C 189 59.02 -23.30 12.42
CA ASN C 189 59.78 -22.10 12.72
C ASN C 189 58.93 -21.02 13.37
N CYS C 190 57.60 -21.09 13.25
CA CYS C 190 56.73 -20.17 13.96
C CYS C 190 56.38 -20.66 15.36
N PHE C 191 56.58 -21.95 15.65
CA PHE C 191 56.52 -22.45 17.02
C PHE C 191 57.75 -22.06 17.83
N LEU C 192 58.85 -21.72 17.16
CA LEU C 192 60.13 -21.38 17.79
C LEU C 192 60.05 -20.11 18.64
N PRO C 193 59.45 -19.00 18.18
CA PRO C 193 59.46 -17.78 19.00
C PRO C 193 58.77 -17.90 20.36
N LEU C 194 58.04 -18.98 20.61
CA LEU C 194 57.50 -19.24 21.94
C LEU C 194 58.55 -19.79 22.90
N ARG C 195 59.77 -20.02 22.42
CA ARG C 195 60.85 -20.58 23.25
C ARG C 195 61.46 -19.54 24.17
N GLU C 196 61.44 -18.26 23.78
CA GLU C 196 61.92 -17.17 24.61
C GLU C 196 60.93 -16.78 25.70
N TYR C 197 59.91 -17.60 25.95
CA TYR C 197 58.91 -17.32 26.99
C TYR C 197 58.66 -18.49 27.92
N PHE C 198 59.16 -19.68 27.62
CA PHE C 198 58.87 -20.87 28.44
C PHE C 198 60.13 -21.72 28.53
N LYS C 199 59.98 -22.89 29.14
CA LYS C 199 61.13 -23.74 29.44
C LYS C 199 61.69 -24.39 28.19
N TYR C 200 63.02 -24.52 28.16
CA TYR C 200 63.74 -25.21 27.11
C TYR C 200 64.09 -26.61 27.57
N PHE C 201 63.78 -27.62 26.74
CA PHE C 201 64.09 -29.00 27.05
C PHE C 201 64.93 -29.61 25.93
N SER C 202 65.90 -30.44 26.31
CA SER C 202 66.74 -31.14 25.36
C SER C 202 66.78 -32.63 25.69
N LEU D 1 18.09 -13.30 38.48
CA LEU D 1 19.45 -13.46 38.99
C LEU D 1 20.08 -12.10 39.29
N TYR D 2 19.62 -11.06 38.57
CA TYR D 2 20.16 -9.73 38.77
C TYR D 2 19.41 -9.03 39.89
N PRO D 3 20.11 -8.36 40.81
CA PRO D 3 19.41 -7.64 41.88
C PRO D 3 18.56 -6.52 41.32
N ALA D 4 17.54 -6.15 42.09
CA ALA D 4 16.63 -5.08 41.68
C ALA D 4 17.27 -3.72 41.91
N ILE D 5 16.90 -2.78 41.06
CA ILE D 5 17.47 -1.43 41.04
C ILE D 5 16.38 -0.45 41.46
N PRO D 6 16.65 0.48 42.38
CA PRO D 6 15.64 1.47 42.77
C PRO D 6 15.31 2.42 41.62
N ALA D 7 14.12 3.02 41.72
CA ALA D 7 13.61 3.84 40.63
C ALA D 7 14.45 5.07 40.37
N ALA D 8 15.22 5.54 41.36
CA ALA D 8 16.01 6.75 41.18
C ALA D 8 17.28 6.50 40.36
N ARG D 9 17.93 5.36 40.58
CA ARG D 9 19.15 5.01 39.85
C ARG D 9 18.87 4.47 38.45
N ARG D 10 17.60 4.47 38.03
CA ARG D 10 17.25 3.96 36.70
C ARG D 10 17.50 5.02 35.64
N ARG D 11 18.27 4.63 34.62
CA ARG D 11 18.60 5.48 33.49
C ARG D 11 18.01 4.91 32.21
N PRO D 12 17.84 5.73 31.17
CA PRO D 12 17.28 5.22 29.91
C PRO D 12 18.11 4.06 29.36
N ILE D 13 17.45 3.21 28.59
CA ILE D 13 18.04 1.99 28.09
C ILE D 13 18.80 2.28 26.80
N ARG D 14 19.92 1.57 26.61
CA ARG D 14 20.76 1.70 25.43
C ARG D 14 20.81 0.34 24.74
N VAL D 15 20.30 0.27 23.52
CA VAL D 15 20.04 -0.98 22.85
C VAL D 15 20.86 -1.07 21.57
N LEU D 16 21.44 -2.25 21.33
CA LEU D 16 22.08 -2.60 20.07
C LEU D 16 21.25 -3.70 19.42
N SER D 17 20.59 -3.38 18.32
CA SER D 17 19.68 -4.28 17.62
C SER D 17 20.34 -4.71 16.31
N LEU D 18 20.79 -5.96 16.25
CA LEU D 18 21.35 -6.53 15.04
C LEU D 18 20.25 -7.22 14.25
N PHE D 19 20.30 -7.08 12.92
CA PHE D 19 19.25 -7.59 12.02
C PHE D 19 17.89 -7.01 12.43
N ASP D 20 17.85 -5.68 12.54
CA ASP D 20 16.73 -5.01 13.18
C ASP D 20 15.43 -5.19 12.42
N GLY D 21 15.50 -5.35 11.09
CA GLY D 21 14.29 -5.47 10.30
C GLY D 21 13.46 -4.20 10.26
N ILE D 22 12.23 -4.28 10.77
CA ILE D 22 11.30 -3.16 10.72
C ILE D 22 11.17 -2.58 12.12
N ALA D 23 12.23 -2.72 12.92
CA ALA D 23 12.35 -2.06 14.21
C ALA D 23 11.27 -2.52 15.18
N THR D 24 11.02 -3.82 15.19
CA THR D 24 10.08 -4.38 16.17
C THR D 24 10.55 -4.14 17.59
N GLY D 25 11.87 -4.26 17.82
CA GLY D 25 12.39 -4.08 19.17
C GLY D 25 12.15 -2.68 19.71
N TYR D 26 12.44 -1.66 18.90
CA TYR D 26 12.21 -0.29 19.34
C TYR D 26 10.72 -0.02 19.55
N LEU D 27 9.88 -0.58 18.69
CA LEU D 27 8.43 -0.41 18.84
C LEU D 27 7.94 -0.99 20.17
N VAL D 28 8.40 -2.19 20.51
CA VAL D 28 7.95 -2.85 21.73
C VAL D 28 8.43 -2.07 22.95
N LEU D 29 9.71 -1.67 22.97
CA LEU D 29 10.23 -0.95 24.12
C LEU D 29 9.51 0.38 24.32
N LYS D 30 9.26 1.11 23.24
CA LYS D 30 8.56 2.38 23.36
C LYS D 30 7.08 2.18 23.69
N GLU D 31 6.50 1.02 23.38
CA GLU D 31 5.12 0.72 23.71
C GLU D 31 4.95 0.19 25.13
N LEU D 32 6.05 -0.16 25.81
CA LEU D 32 6.00 -0.53 27.21
C LEU D 32 6.14 0.67 28.15
N GLY D 33 6.49 1.84 27.62
CA GLY D 33 6.73 3.00 28.46
C GLY D 33 8.16 3.18 28.90
N ILE D 34 9.12 2.67 28.14
CA ILE D 34 10.53 2.72 28.50
C ILE D 34 11.20 3.84 27.70
N LYS D 35 12.02 4.64 28.37
CA LYS D 35 12.80 5.65 27.68
C LYS D 35 13.97 4.99 26.96
N VAL D 36 14.05 5.20 25.66
CA VAL D 36 15.10 4.61 24.83
C VAL D 36 16.17 5.67 24.64
N GLY D 37 17.26 5.58 25.40
CA GLY D 37 18.33 6.55 25.28
C GLY D 37 19.09 6.40 23.97
N LYS D 38 19.28 5.17 23.50
CA LYS D 38 20.03 4.93 22.28
C LYS D 38 19.62 3.58 21.71
N TYR D 39 19.33 3.56 20.41
CA TYR D 39 18.89 2.35 19.71
C TYR D 39 19.70 2.26 18.41
N VAL D 40 20.73 1.42 18.43
CA VAL D 40 21.62 1.24 17.28
C VAL D 40 21.15 0.02 16.51
N ALA D 41 20.78 0.22 15.25
CA ALA D 41 20.19 -0.83 14.42
C ALA D 41 21.12 -1.19 13.28
N SER D 42 21.35 -2.49 13.08
CA SER D 42 22.16 -3.01 11.99
C SER D 42 21.23 -3.64 10.98
N GLU D 43 20.98 -2.94 9.87
CA GLU D 43 20.05 -3.39 8.85
C GLU D 43 20.55 -2.94 7.49
N VAL D 44 20.32 -3.79 6.48
CA VAL D 44 20.79 -3.53 5.12
C VAL D 44 19.64 -3.43 4.12
N CYS D 45 18.41 -3.67 4.53
CA CYS D 45 17.27 -3.60 3.63
C CYS D 45 16.73 -2.17 3.61
N GLU D 46 16.72 -1.56 2.42
CA GLU D 46 16.33 -0.16 2.32
C GLU D 46 14.90 0.06 2.79
N GLU D 47 13.98 -0.79 2.35
CA GLU D 47 12.59 -0.64 2.76
C GLU D 47 12.44 -0.84 4.27
N SER D 48 13.21 -1.77 4.84
CA SER D 48 13.15 -1.98 6.28
C SER D 48 13.64 -0.76 7.04
N ILE D 49 14.76 -0.18 6.60
CA ILE D 49 15.26 1.04 7.22
C ILE D 49 14.27 2.18 7.07
N ALA D 50 13.62 2.25 5.90
CA ALA D 50 12.63 3.30 5.67
C ALA D 50 11.49 3.22 6.67
N VAL D 51 11.04 2.00 7.01
CA VAL D 51 9.98 1.84 8.00
C VAL D 51 10.43 2.39 9.35
N GLY D 52 11.63 1.99 9.79
CA GLY D 52 12.09 2.41 11.11
C GLY D 52 12.31 3.90 11.23
N THR D 53 12.87 4.52 10.21
CA THR D 53 13.14 5.95 10.28
C THR D 53 11.85 6.76 10.23
N VAL D 54 10.90 6.38 9.38
CA VAL D 54 9.69 7.16 9.21
C VAL D 54 8.72 6.94 10.37
N LYS D 55 8.50 5.68 10.75
CA LYS D 55 7.54 5.40 11.81
C LYS D 55 8.05 5.82 13.19
N HIS D 56 9.36 6.02 13.34
CA HIS D 56 9.93 6.45 14.61
C HIS D 56 10.63 7.80 14.54
N GLU D 57 10.56 8.48 13.39
CA GLU D 57 10.98 9.88 13.26
C GLU D 57 12.44 10.09 13.63
N GLY D 58 13.27 9.12 13.25
CA GLY D 58 14.72 9.29 13.34
C GLY D 58 15.32 9.14 14.71
N ASN D 59 14.71 8.38 15.60
CA ASN D 59 15.33 8.06 16.88
C ASN D 59 16.23 6.84 16.82
N ILE D 60 16.30 6.17 15.67
CA ILE D 60 17.09 4.96 15.49
C ILE D 60 18.33 5.31 14.66
N LYS D 61 19.50 4.88 15.14
CA LYS D 61 20.76 5.11 14.43
C LYS D 61 21.12 3.86 13.65
N TYR D 62 21.04 3.93 12.32
CA TYR D 62 21.31 2.80 11.44
C TYR D 62 22.79 2.75 11.08
N VAL D 63 23.39 1.56 11.16
CA VAL D 63 24.83 1.38 11.21
C VAL D 63 25.38 0.35 10.23
N ASN D 64 25.03 0.42 8.94
CA ASN D 64 24.75 -0.70 8.02
C ASN D 64 25.34 -2.06 8.39
N ASP D 65 25.52 -2.92 7.38
CA ASP D 65 25.90 -4.33 7.52
C ASP D 65 26.63 -4.68 8.82
N VAL D 66 26.14 -5.72 9.49
CA VAL D 66 26.67 -6.16 10.77
C VAL D 66 28.10 -6.65 10.65
N ARG D 67 28.47 -7.20 9.48
CA ARG D 67 29.83 -7.69 9.28
C ARG D 67 30.87 -6.58 9.19
N ASN D 68 30.44 -5.32 9.14
CA ASN D 68 31.37 -4.19 9.09
C ASN D 68 31.43 -3.44 10.41
N ILE D 69 30.79 -3.96 11.46
CA ILE D 69 30.85 -3.34 12.78
C ILE D 69 32.11 -3.84 13.49
N THR D 70 32.99 -2.91 13.84
CA THR D 70 34.26 -3.25 14.46
C THR D 70 34.15 -3.26 15.98
N LYS D 71 35.22 -3.75 16.62
CA LYS D 71 35.26 -3.72 18.08
C LYS D 71 35.26 -2.29 18.60
N LYS D 72 35.90 -1.37 17.87
CA LYS D 72 35.89 0.03 18.30
C LYS D 72 34.50 0.63 18.19
N ASN D 73 33.69 0.15 17.24
CA ASN D 73 32.32 0.66 17.09
C ASN D 73 31.49 0.32 18.33
N ILE D 74 31.58 -0.93 18.80
CA ILE D 74 30.82 -1.33 19.98
C ILE D 74 31.22 -0.52 21.20
N GLU D 75 32.49 -0.13 21.28
CA GLU D 75 32.96 0.67 22.41
C GLU D 75 32.58 2.14 22.24
N GLU D 76 32.65 2.65 21.01
CA GLU D 76 32.21 4.02 20.75
C GLU D 76 30.70 4.16 20.91
N TRP D 77 29.93 3.34 20.20
CA TRP D 77 28.48 3.42 20.24
C TRP D 77 27.92 2.97 21.59
N GLY D 78 28.68 2.18 22.35
CA GLY D 78 28.23 1.71 23.64
C GLY D 78 28.37 2.76 24.72
N PRO D 79 28.18 2.36 25.99
CA PRO D 79 27.83 0.99 26.41
C PRO D 79 26.38 0.65 26.11
N PHE D 80 26.08 -0.64 25.98
CA PHE D 80 24.75 -1.11 25.66
C PHE D 80 24.14 -1.85 26.85
N ASP D 81 22.88 -1.58 27.14
CA ASP D 81 22.16 -2.30 28.18
C ASP D 81 21.38 -3.49 27.65
N LEU D 82 21.18 -3.57 26.34
CA LEU D 82 20.38 -4.63 25.73
C LEU D 82 20.88 -4.88 24.32
N VAL D 83 21.10 -6.15 23.98
CA VAL D 83 21.54 -6.56 22.65
C VAL D 83 20.56 -7.60 22.13
N ILE D 84 19.77 -7.24 21.14
CA ILE D 84 18.74 -8.12 20.60
C ILE D 84 19.01 -8.33 19.11
N GLY D 85 18.47 -9.42 18.59
CA GLY D 85 18.64 -9.73 17.18
C GLY D 85 18.05 -11.05 16.72
N GLY D 86 17.51 -11.06 15.51
CA GLY D 86 17.09 -12.29 14.87
C GLY D 86 17.75 -12.50 13.52
N SER D 87 18.60 -13.50 13.41
CA SER D 87 19.36 -13.70 12.17
C SER D 87 18.46 -14.31 11.10
N PRO D 88 18.74 -14.04 9.82
CA PRO D 88 17.95 -14.66 8.74
C PRO D 88 17.94 -16.18 8.85
N CYS D 89 16.77 -16.75 8.58
CA CYS D 89 16.52 -18.18 8.74
C CYS D 89 16.23 -18.85 7.41
N ASN D 90 16.50 -18.18 6.29
CA ASN D 90 16.30 -18.79 4.99
C ASN D 90 17.25 -19.95 4.72
N ASP D 91 18.36 -20.03 5.45
CA ASP D 91 19.27 -21.16 5.38
C ASP D 91 19.21 -22.05 6.61
N LEU D 92 18.26 -21.79 7.52
CA LEU D 92 18.07 -22.60 8.71
C LEU D 92 16.70 -23.26 8.81
N SER D 93 15.64 -22.64 8.29
CA SER D 93 14.30 -23.18 8.43
C SER D 93 14.11 -24.38 7.50
N ASN D 94 13.27 -25.32 7.95
CA ASN D 94 12.97 -26.52 7.16
C ASN D 94 12.15 -26.20 5.92
N VAL D 95 11.44 -25.08 5.90
CA VAL D 95 10.58 -24.74 4.77
C VAL D 95 11.40 -24.62 3.48
N ASN D 96 12.65 -24.21 3.59
CA ASN D 96 13.55 -24.16 2.45
C ASN D 96 14.17 -25.53 2.24
N PRO D 97 13.86 -26.23 1.15
CA PRO D 97 14.49 -27.54 0.91
C PRO D 97 15.95 -27.44 0.52
N ALA D 98 16.46 -26.24 0.24
CA ALA D 98 17.85 -26.04 -0.16
C ALA D 98 18.64 -25.25 0.86
N ARG D 99 18.24 -25.30 2.14
CA ARG D 99 18.96 -24.57 3.17
C ARG D 99 20.38 -25.09 3.32
N LYS D 100 21.31 -24.17 3.58
CA LYS D 100 22.73 -24.48 3.66
C LYS D 100 23.22 -24.66 5.09
N GLY D 101 22.34 -24.52 6.07
CA GLY D 101 22.74 -24.70 7.44
C GLY D 101 23.38 -23.46 8.04
N LEU D 102 24.03 -23.68 9.18
CA LEU D 102 24.51 -22.58 10.01
C LEU D 102 25.87 -22.06 9.55
N TYR D 103 26.67 -22.88 8.89
CA TYR D 103 28.04 -22.52 8.54
C TYR D 103 28.19 -22.08 7.09
N GLU D 104 27.11 -22.04 6.32
CA GLU D 104 27.16 -21.60 4.94
C GLU D 104 25.94 -20.74 4.64
N GLY D 105 26.02 -20.02 3.52
CA GLY D 105 24.91 -19.18 3.11
C GLY D 105 24.76 -17.98 4.02
N THR D 106 23.53 -17.73 4.47
CA THR D 106 23.25 -16.64 5.40
C THR D 106 23.17 -17.11 6.85
N GLY D 107 23.36 -18.40 7.11
CA GLY D 107 23.42 -18.87 8.48
C GLY D 107 24.65 -18.41 9.24
N ARG D 108 25.71 -18.03 8.51
CA ARG D 108 26.92 -17.52 9.16
C ARG D 108 26.64 -16.26 9.97
N LEU D 109 25.61 -15.50 9.58
CA LEU D 109 25.31 -14.24 10.25
C LEU D 109 24.93 -14.42 11.71
N PHE D 110 24.65 -15.64 12.15
CA PHE D 110 24.45 -15.89 13.57
C PHE D 110 25.72 -15.59 14.36
N PHE D 111 26.87 -16.03 13.84
CA PHE D 111 28.13 -15.78 14.53
C PHE D 111 28.42 -14.28 14.66
N GLU D 112 27.94 -13.49 13.71
CA GLU D 112 28.09 -12.04 13.82
C GLU D 112 27.37 -11.52 15.06
N PHE D 113 26.21 -12.10 15.38
CA PHE D 113 25.54 -11.77 16.63
C PHE D 113 26.36 -12.26 17.82
N TYR D 114 26.88 -13.48 17.74
CA TYR D 114 27.73 -14.01 18.81
C TYR D 114 28.99 -13.17 18.98
N HIS D 115 29.57 -12.72 17.87
CA HIS D 115 30.81 -11.96 17.94
C HIS D 115 30.58 -10.61 18.61
N LEU D 116 29.61 -9.83 18.11
CA LEU D 116 29.34 -8.51 18.67
C LEU D 116 28.75 -8.57 20.07
N LEU D 117 28.14 -9.70 20.46
CA LEU D 117 27.64 -9.83 21.82
C LEU D 117 28.80 -9.86 22.82
N ASN D 118 29.86 -10.59 22.49
CA ASN D 118 31.04 -10.62 23.36
C ASN D 118 31.68 -9.24 23.45
N TYR D 119 31.71 -8.50 22.34
CA TYR D 119 32.21 -7.13 22.37
C TYR D 119 31.35 -6.26 23.27
N SER D 120 30.03 -6.49 23.27
CA SER D 120 29.12 -5.66 24.05
C SER D 120 29.06 -6.05 25.51
N ARG D 121 29.49 -7.26 25.87
CA ARG D 121 29.37 -7.72 27.24
C ARG D 121 30.22 -6.86 28.17
N PRO D 122 29.72 -6.52 29.35
CA PRO D 122 30.54 -5.76 30.30
C PRO D 122 31.71 -6.59 30.80
N LYS D 123 32.88 -5.94 30.89
CA LYS D 123 34.07 -6.63 31.36
C LYS D 123 33.90 -7.08 32.81
N GLU D 124 34.62 -8.13 33.17
CA GLU D 124 34.48 -8.68 34.51
C GLU D 124 34.91 -7.66 35.55
N GLY D 125 34.11 -7.53 36.61
CA GLY D 125 34.24 -6.46 37.56
C GLY D 125 33.21 -5.36 37.38
N ASP D 126 32.41 -5.43 36.32
CA ASP D 126 31.35 -4.47 36.03
C ASP D 126 30.02 -5.20 36.26
N ASP D 127 29.49 -5.07 37.47
CA ASP D 127 28.24 -5.74 37.84
C ASP D 127 27.00 -4.98 37.38
N ARG D 128 27.15 -4.11 36.39
CA ARG D 128 26.02 -3.35 35.88
C ARG D 128 25.04 -4.28 35.15
N PRO D 129 23.77 -3.89 35.05
CA PRO D 129 22.80 -4.74 34.37
C PRO D 129 23.10 -4.86 32.88
N PHE D 130 22.81 -6.04 32.33
CA PHE D 130 23.04 -6.32 30.91
C PHE D 130 22.17 -7.49 30.50
N PHE D 131 21.39 -7.32 29.45
CA PHE D 131 20.47 -8.34 28.96
C PHE D 131 20.64 -8.52 27.46
N TRP D 132 20.25 -9.70 26.98
CA TRP D 132 20.36 -10.00 25.56
C TRP D 132 19.30 -11.02 25.18
N MET D 133 19.06 -11.14 23.89
CA MET D 133 18.04 -12.05 23.36
C MET D 133 18.34 -12.34 21.91
N PHE D 134 18.14 -13.60 21.52
CA PHE D 134 18.31 -14.05 20.14
C PHE D 134 17.10 -14.89 19.75
N GLU D 135 16.51 -14.59 18.59
CA GLU D 135 15.33 -15.28 18.10
C GLU D 135 15.66 -16.01 16.81
N ASN D 136 15.06 -17.19 16.63
CA ASN D 136 15.21 -17.93 15.39
C ASN D 136 14.08 -18.95 15.32
N VAL D 137 14.04 -19.68 14.21
CA VAL D 137 12.95 -20.62 13.97
C VAL D 137 13.19 -21.92 14.73
N VAL D 138 12.08 -22.64 14.98
CA VAL D 138 12.19 -23.97 15.58
C VAL D 138 12.41 -25.05 14.54
N ALA D 139 12.14 -24.78 13.27
CA ALA D 139 12.27 -25.77 12.21
C ALA D 139 13.68 -25.80 11.62
N MET D 140 14.68 -25.98 12.49
CA MET D 140 16.06 -26.09 12.07
C MET D 140 16.61 -27.45 12.46
N LYS D 141 17.71 -27.84 11.82
CA LYS D 141 18.38 -29.08 12.17
C LYS D 141 18.77 -29.05 13.65
N VAL D 142 18.62 -30.20 14.31
CA VAL D 142 19.03 -30.30 15.72
C VAL D 142 20.52 -30.01 15.87
N GLY D 143 21.31 -30.25 14.82
CA GLY D 143 22.71 -29.85 14.87
C GLY D 143 22.90 -28.35 14.86
N ASP D 144 21.99 -27.62 14.20
CA ASP D 144 22.06 -26.16 14.23
C ASP D 144 21.61 -25.62 15.59
N LYS D 145 20.48 -26.12 16.09
CA LYS D 145 20.01 -25.69 17.41
C LYS D 145 21.03 -26.01 18.49
N ARG D 146 21.70 -27.16 18.38
CA ARG D 146 22.73 -27.51 19.35
C ARG D 146 23.88 -26.50 19.32
N ASP D 147 24.42 -26.23 18.13
CA ASP D 147 25.60 -25.37 18.03
C ASP D 147 25.28 -23.92 18.40
N ILE D 148 24.08 -23.44 18.04
CA ILE D 148 23.66 -22.11 18.49
C ILE D 148 23.67 -22.05 20.02
N SER D 149 23.12 -23.09 20.66
CA SER D 149 23.09 -23.12 22.11
C SER D 149 24.49 -23.19 22.73
N ARG D 150 25.46 -23.72 21.98
CA ARG D 150 26.82 -23.81 22.50
C ARG D 150 27.53 -22.46 22.48
N PHE D 151 27.38 -21.70 21.40
CA PHE D 151 28.05 -20.41 21.30
C PHE D 151 27.44 -19.39 22.26
N LEU D 152 26.12 -19.38 22.38
CA LEU D 152 25.45 -18.52 23.35
C LEU D 152 25.47 -19.11 24.75
N GLU D 153 25.90 -20.36 24.91
CA GLU D 153 26.04 -21.00 26.22
C GLU D 153 24.71 -20.99 26.99
N CYS D 154 23.61 -21.15 26.26
CA CYS D 154 22.29 -21.10 26.86
C CYS D 154 21.33 -21.92 26.01
N ASN D 155 20.22 -22.32 26.63
CA ASN D 155 19.21 -23.10 25.92
C ASN D 155 17.98 -22.26 25.63
N PRO D 156 17.34 -22.46 24.48
CA PRO D 156 16.24 -21.58 24.08
C PRO D 156 14.91 -22.01 24.70
N VAL D 157 14.07 -21.02 24.95
CA VAL D 157 12.70 -21.22 25.37
C VAL D 157 11.79 -20.97 24.16
N MET D 158 10.92 -21.92 23.87
CA MET D 158 10.03 -21.82 22.70
C MET D 158 8.74 -21.12 23.10
N ILE D 159 8.43 -20.03 22.42
CA ILE D 159 7.19 -19.31 22.61
C ILE D 159 6.47 -19.24 21.27
N ASP D 160 5.25 -19.75 21.24
CA ASP D 160 4.42 -19.72 20.04
C ASP D 160 3.47 -18.54 20.11
N ALA D 161 3.39 -17.76 19.04
CA ALA D 161 2.49 -16.62 18.99
C ALA D 161 1.02 -17.02 18.95
N ILE D 162 0.72 -18.33 18.93
CA ILE D 162 -0.66 -18.79 18.90
C ILE D 162 -1.40 -18.37 20.16
N LYS D 163 -0.66 -18.14 21.25
CA LYS D 163 -1.29 -17.82 22.54
C LYS D 163 -1.66 -16.34 22.67
N VAL D 164 -1.07 -15.46 21.86
CA VAL D 164 -1.26 -14.03 22.04
C VAL D 164 -1.67 -13.37 20.72
N SER D 165 -1.52 -14.07 19.62
CA SER D 165 -1.90 -13.56 18.31
C SER D 165 -2.93 -14.50 17.68
N ALA D 166 -3.31 -14.19 16.44
CA ALA D 166 -4.24 -15.02 15.69
C ALA D 166 -3.52 -15.95 14.71
N ALA D 167 -2.23 -16.17 14.90
CA ALA D 167 -1.45 -16.97 13.96
C ALA D 167 -0.51 -17.88 14.73
N HIS D 168 -0.16 -19.00 14.09
CA HIS D 168 0.87 -19.88 14.63
C HIS D 168 2.25 -19.30 14.30
N ARG D 169 3.09 -19.15 15.33
CA ARG D 169 4.48 -18.76 15.09
C ARG D 169 5.33 -19.38 16.19
N ALA D 170 5.95 -20.52 15.89
CA ALA D 170 6.78 -21.23 16.85
C ALA D 170 8.23 -20.81 16.67
N ARG D 171 8.79 -20.15 17.68
CA ARG D 171 10.13 -19.60 17.60
C ARG D 171 10.93 -19.92 18.86
N TYR D 172 12.22 -20.11 18.68
CA TYR D 172 13.16 -20.25 19.78
C TYR D 172 13.63 -18.89 20.26
N PHE D 173 13.93 -18.79 21.56
CA PHE D 173 14.36 -17.52 22.16
C PHE D 173 15.49 -17.79 23.16
N TRP D 174 16.73 -17.70 22.68
CA TRP D 174 17.87 -17.66 23.58
C TRP D 174 17.95 -16.30 24.25
N GLY D 175 18.52 -16.27 25.45
CA GLY D 175 18.69 -15.01 26.13
C GLY D 175 18.85 -15.21 27.63
N ASN D 176 18.88 -14.08 28.33
CA ASN D 176 19.02 -14.03 29.78
C ASN D 176 18.04 -13.03 30.37
N LEU D 177 16.94 -12.77 29.66
CA LEU D 177 15.94 -11.83 30.15
C LEU D 177 15.24 -12.40 31.37
N PRO D 178 14.82 -11.55 32.30
CA PRO D 178 14.10 -12.05 33.49
C PRO D 178 12.81 -12.73 33.11
N GLY D 179 12.61 -13.94 33.66
CA GLY D 179 11.40 -14.69 33.46
C GLY D 179 11.03 -14.94 32.01
N MET D 180 11.88 -15.64 31.27
CA MET D 180 11.54 -16.05 29.91
C MET D 180 10.77 -17.36 29.88
N ASN D 181 10.95 -18.21 30.88
CA ASN D 181 10.26 -19.49 30.97
C ASN D 181 8.91 -19.38 31.68
N ARG D 182 8.53 -18.18 32.12
CA ARG D 182 7.25 -18.01 32.80
C ARG D 182 6.09 -18.30 31.84
N PRO D 183 4.95 -18.71 32.37
CA PRO D 183 3.80 -19.01 31.49
C PRO D 183 3.37 -17.78 30.72
N VAL D 184 3.18 -17.95 29.41
CA VAL D 184 2.74 -16.87 28.54
C VAL D 184 1.27 -16.58 28.81
N ILE D 185 0.97 -15.34 29.15
CA ILE D 185 -0.40 -14.92 29.45
C ILE D 185 -0.87 -13.96 28.36
N ALA D 186 -2.17 -14.02 28.09
CA ALA D 186 -2.78 -13.17 27.08
C ALA D 186 -3.25 -11.86 27.69
N SER D 187 -3.05 -10.77 26.95
CA SER D 187 -3.45 -9.45 27.40
C SER D 187 -4.87 -9.13 26.94
N LYS D 188 -5.37 -7.97 27.37
CA LYS D 188 -6.72 -7.55 26.99
C LYS D 188 -6.76 -6.94 25.60
N ASN D 189 -5.67 -6.32 25.17
CA ASN D 189 -5.59 -5.71 23.84
C ASN D 189 -5.15 -6.68 22.76
N ASP D 190 -4.86 -7.92 23.11
CA ASP D 190 -4.40 -8.91 22.13
C ASP D 190 -5.57 -9.41 21.30
N LYS D 191 -5.42 -9.38 19.98
CA LYS D 191 -6.42 -9.88 19.05
C LYS D 191 -6.15 -11.36 18.81
N LEU D 192 -6.89 -12.22 19.50
CA LEU D 192 -6.61 -13.65 19.51
C LEU D 192 -7.22 -14.40 18.34
N GLU D 193 -8.31 -13.92 17.77
CA GLU D 193 -8.95 -14.59 16.64
C GLU D 193 -8.79 -13.77 15.37
N LEU D 194 -8.78 -14.48 14.23
CA LEU D 194 -8.59 -13.83 12.94
C LEU D 194 -9.66 -12.77 12.67
N GLN D 195 -10.88 -12.98 13.16
CA GLN D 195 -11.93 -11.99 12.93
C GLN D 195 -11.61 -10.66 13.59
N ASP D 196 -10.81 -10.67 14.67
CA ASP D 196 -10.42 -9.44 15.34
C ASP D 196 -9.39 -8.64 14.55
N CYS D 197 -8.78 -9.23 13.52
CA CYS D 197 -7.77 -8.58 12.72
C CYS D 197 -8.29 -8.09 11.37
N LEU D 198 -9.51 -8.48 10.99
CA LEU D 198 -10.03 -8.12 9.68
C LEU D 198 -10.68 -6.73 9.72
N GLU D 199 -10.92 -6.19 8.53
CA GLU D 199 -11.58 -4.90 8.39
C GLU D 199 -13.08 -5.06 8.48
N TYR D 200 -13.79 -3.95 8.28
CA TYR D 200 -15.25 -3.98 8.24
C TYR D 200 -15.74 -4.76 7.03
N ASN D 201 -16.88 -5.43 7.19
CA ASN D 201 -17.55 -6.17 6.12
C ASN D 201 -16.66 -7.29 5.57
N ARG D 202 -15.84 -7.89 6.42
CA ARG D 202 -15.03 -9.04 6.05
C ARG D 202 -15.21 -10.12 7.12
N ILE D 203 -15.31 -11.36 6.67
CA ILE D 203 -15.61 -12.50 7.55
C ILE D 203 -14.42 -13.46 7.52
N ALA D 204 -14.02 -13.93 8.70
CA ALA D 204 -12.94 -14.89 8.82
C ALA D 204 -13.49 -16.31 8.80
N LYS D 205 -12.80 -17.20 8.10
CA LYS D 205 -13.19 -18.60 8.05
C LYS D 205 -12.60 -19.42 9.18
N LEU D 206 -11.42 -19.04 9.67
CA LEU D 206 -10.77 -19.74 10.75
C LEU D 206 -10.63 -18.82 11.95
N LYS D 207 -10.35 -19.42 13.10
CA LYS D 207 -9.96 -18.66 14.30
C LYS D 207 -8.47 -18.36 14.33
N LYS D 208 -7.64 -19.26 13.81
CA LYS D 208 -6.20 -19.07 13.74
C LYS D 208 -5.70 -19.45 12.35
N VAL D 209 -4.66 -18.77 11.90
CA VAL D 209 -4.07 -19.03 10.60
C VAL D 209 -2.70 -19.66 10.79
N GLN D 210 -2.24 -20.37 9.76
CA GLN D 210 -0.94 -21.00 9.83
C GLN D 210 0.18 -19.95 9.75
N THR D 211 1.42 -20.42 9.93
CA THR D 211 2.57 -19.53 10.04
C THR D 211 2.73 -18.70 8.77
N ILE D 212 2.79 -17.38 8.96
CA ILE D 212 2.89 -16.44 7.85
C ILE D 212 4.37 -16.26 7.51
N THR D 213 4.72 -16.52 6.26
CA THR D 213 6.07 -16.35 5.73
C THR D 213 6.07 -15.17 4.77
N THR D 214 7.21 -14.96 4.11
CA THR D 214 7.29 -13.94 3.06
C THR D 214 6.50 -14.30 1.82
N LYS D 215 6.08 -15.54 1.65
CA LYS D 215 5.35 -15.96 0.46
C LYS D 215 3.86 -15.66 0.61
N SER D 216 3.22 -15.44 -0.54
CA SER D 216 1.78 -15.20 -0.56
C SER D 216 0.96 -16.48 -0.43
N ASN D 217 1.60 -17.65 -0.49
CA ASN D 217 0.90 -18.92 -0.34
C ASN D 217 0.76 -19.34 1.11
N SER D 218 1.51 -18.74 2.04
CA SER D 218 1.28 -19.01 3.46
C SER D 218 -0.02 -18.39 3.95
N ILE D 219 -0.65 -17.51 3.14
CA ILE D 219 -1.98 -17.01 3.48
C ILE D 219 -3.04 -18.04 3.11
N LYS D 220 -2.81 -18.82 2.05
CA LYS D 220 -3.71 -19.90 1.68
C LYS D 220 -3.60 -21.02 2.71
N GLN D 221 -4.70 -21.30 3.41
CA GLN D 221 -4.68 -22.19 4.57
C GLN D 221 -4.95 -23.63 4.18
N GLY D 222 -4.38 -24.56 4.96
CA GLY D 222 -4.65 -25.96 4.81
C GLY D 222 -3.84 -26.63 3.71
N LYS D 223 -4.07 -27.93 3.56
CA LYS D 223 -3.45 -28.70 2.49
C LYS D 223 -4.12 -28.44 1.15
N ASN D 224 -5.36 -27.98 1.15
CA ASN D 224 -6.07 -27.63 -0.08
C ASN D 224 -5.88 -26.16 -0.46
N GLN D 225 -5.15 -25.38 0.34
CA GLN D 225 -4.80 -24.00 0.03
C GLN D 225 -6.06 -23.15 -0.19
N LEU D 226 -6.81 -22.99 0.89
CA LEU D 226 -8.09 -22.30 0.86
C LEU D 226 -7.94 -20.86 1.30
N PHE D 227 -8.69 -19.96 0.68
CA PHE D 227 -8.65 -18.55 1.06
C PHE D 227 -9.22 -18.37 2.46
N PRO D 228 -8.62 -17.51 3.29
CA PRO D 228 -9.07 -17.40 4.69
C PRO D 228 -10.19 -16.40 4.94
N VAL D 229 -10.57 -15.58 3.97
CA VAL D 229 -11.51 -14.49 4.19
C VAL D 229 -12.62 -14.57 3.16
N VAL D 230 -13.82 -14.15 3.56
CA VAL D 230 -14.95 -13.97 2.67
C VAL D 230 -15.49 -12.55 2.89
N MET D 231 -15.62 -11.80 1.79
CA MET D 231 -16.33 -10.53 1.81
C MET D 231 -17.19 -10.42 0.57
N ASN D 232 -18.39 -9.86 0.75
CA ASN D 232 -19.39 -9.73 -0.32
C ASN D 232 -19.74 -11.09 -0.94
N GLY D 233 -19.61 -12.16 -0.16
CA GLY D 233 -19.86 -13.51 -0.61
C GLY D 233 -18.69 -14.16 -1.34
N LYS D 234 -17.81 -13.37 -1.96
CA LYS D 234 -16.65 -13.90 -2.67
C LYS D 234 -15.49 -14.10 -1.71
N GLU D 235 -14.59 -15.02 -2.09
CA GLU D 235 -13.42 -15.29 -1.28
C GLU D 235 -12.32 -14.27 -1.55
N ASP D 236 -11.41 -14.14 -0.59
CA ASP D 236 -10.32 -13.17 -0.71
C ASP D 236 -9.23 -13.50 0.28
N VAL D 237 -8.01 -13.07 -0.05
CA VAL D 237 -6.84 -13.23 0.80
C VAL D 237 -6.82 -12.15 1.86
N LEU D 238 -5.91 -12.30 2.83
CA LEU D 238 -5.71 -11.27 3.85
C LEU D 238 -5.16 -9.99 3.23
N TRP D 239 -5.43 -8.87 3.89
CA TRP D 239 -4.93 -7.57 3.50
C TRP D 239 -3.70 -7.19 4.32
N CYS D 240 -2.96 -6.19 3.81
CA CYS D 240 -1.74 -5.75 4.48
C CYS D 240 -2.04 -5.18 5.86
N THR D 241 -3.09 -4.36 5.98
CA THR D 241 -3.50 -3.87 7.28
C THR D 241 -3.98 -5.00 8.19
N GLU D 242 -4.40 -6.13 7.63
CA GLU D 242 -4.82 -7.26 8.45
C GLU D 242 -3.63 -8.10 8.87
N LEU D 243 -2.63 -8.27 7.99
CA LEU D 243 -1.40 -8.93 8.38
C LEU D 243 -0.71 -8.19 9.52
N GLU D 244 -0.76 -6.86 9.49
CA GLU D 244 -0.16 -6.08 10.57
C GLU D 244 -0.87 -6.33 11.89
N ARG D 245 -2.20 -6.38 11.87
CA ARG D 245 -2.94 -6.65 13.10
C ARG D 245 -2.68 -8.06 13.61
N ILE D 246 -2.43 -9.02 12.71
CA ILE D 246 -2.13 -10.38 13.12
C ILE D 246 -0.79 -10.43 13.86
N PHE D 247 0.23 -9.75 13.33
CA PHE D 247 1.54 -9.75 13.96
C PHE D 247 1.62 -8.85 15.19
N GLY D 248 0.62 -8.00 15.43
CA GLY D 248 0.64 -7.09 16.56
C GLY D 248 1.21 -5.72 16.27
N PHE D 249 1.58 -5.44 15.02
CA PHE D 249 2.08 -4.13 14.65
C PHE D 249 0.94 -3.12 14.55
N PRO D 250 1.24 -1.83 14.70
CA PRO D 250 0.20 -0.82 14.48
C PRO D 250 -0.29 -0.85 13.05
N VAL D 251 -1.53 -0.37 12.85
CA VAL D 251 -2.11 -0.37 11.52
C VAL D 251 -1.36 0.61 10.64
N HIS D 252 -1.16 0.22 9.37
CA HIS D 252 -0.43 1.01 8.39
C HIS D 252 1.03 1.22 8.80
N TYR D 253 1.59 0.25 9.54
CA TYR D 253 2.98 0.36 9.98
C TYR D 253 3.95 0.18 8.82
N THR D 254 3.59 -0.63 7.83
CA THR D 254 4.42 -0.88 6.66
C THR D 254 3.87 -0.18 5.41
N ASP D 255 3.13 0.92 5.61
CA ASP D 255 2.62 1.73 4.50
C ASP D 255 3.60 2.86 4.18
N VAL D 256 4.81 2.46 3.78
CA VAL D 256 5.86 3.40 3.43
C VAL D 256 6.55 2.93 2.15
N SER D 257 7.28 3.85 1.53
CA SER D 257 8.16 3.56 0.38
C SER D 257 7.38 3.01 -0.82
N ASN D 258 6.10 3.38 -0.94
CA ASN D 258 5.25 2.92 -2.05
C ASN D 258 5.24 1.40 -2.14
N MET D 259 5.38 0.72 -1.01
CA MET D 259 5.44 -0.73 -1.01
C MET D 259 4.07 -1.33 -1.34
N GLY D 260 4.08 -2.39 -2.13
CA GLY D 260 2.88 -3.09 -2.51
C GLY D 260 2.56 -4.23 -1.56
N ARG D 261 1.73 -5.16 -2.05
CA ARG D 261 1.33 -6.29 -1.21
CA ARG D 261 1.33 -6.29 -1.20
C ARG D 261 2.50 -7.24 -0.97
N GLY D 262 3.32 -7.48 -1.98
CA GLY D 262 4.42 -8.42 -1.83
C GLY D 262 5.52 -7.89 -0.93
N ALA D 263 5.85 -6.61 -1.07
CA ALA D 263 6.91 -6.04 -0.26
C ALA D 263 6.53 -6.00 1.22
N ARG D 264 5.28 -5.65 1.53
CA ARG D 264 4.87 -5.54 2.93
C ARG D 264 4.80 -6.92 3.60
N GLN D 265 4.39 -7.95 2.85
CA GLN D 265 4.37 -9.28 3.44
C GLN D 265 5.77 -9.82 3.65
N LYS D 266 6.71 -9.45 2.78
CA LYS D 266 8.09 -9.88 2.97
C LYS D 266 8.68 -9.34 4.26
N LEU D 267 8.42 -8.07 4.56
CA LEU D 267 8.92 -7.51 5.81
C LEU D 267 8.19 -8.08 7.01
N LEU D 268 6.87 -8.26 6.90
CA LEU D 268 6.11 -8.81 8.01
C LEU D 268 6.34 -10.30 8.18
N GLY D 269 6.56 -11.03 7.08
CA GLY D 269 6.68 -12.47 7.18
C GLY D 269 7.88 -12.93 7.98
N ARG D 270 8.96 -12.16 7.99
CA ARG D 270 10.18 -12.52 8.70
C ARG D 270 10.38 -11.69 9.96
N SER D 271 9.34 -11.01 10.42
CA SER D 271 9.44 -10.15 11.58
C SER D 271 9.11 -10.96 12.84
N TRP D 272 8.93 -10.26 13.96
CA TRP D 272 8.59 -10.85 15.24
C TRP D 272 7.11 -10.59 15.53
N SER D 273 6.51 -11.51 16.30
CA SER D 273 5.17 -11.29 16.82
C SER D 273 5.27 -10.28 17.95
N VAL D 274 4.66 -9.09 17.75
CA VAL D 274 4.81 -8.01 18.73
C VAL D 274 4.39 -8.42 20.14
N PRO D 275 3.22 -9.05 20.35
CA PRO D 275 2.86 -9.43 21.73
C PRO D 275 3.78 -10.46 22.35
N VAL D 276 4.49 -11.26 21.54
CA VAL D 276 5.48 -12.17 22.10
C VAL D 276 6.69 -11.40 22.59
N ILE D 277 7.16 -10.43 21.79
CA ILE D 277 8.31 -9.62 22.20
C ILE D 277 7.95 -8.76 23.41
N ARG D 278 6.69 -8.31 23.48
CA ARG D 278 6.25 -7.56 24.65
C ARG D 278 6.28 -8.45 25.90
N HIS D 279 5.91 -9.72 25.75
CA HIS D 279 6.00 -10.64 26.87
C HIS D 279 7.43 -10.83 27.33
N LEU D 280 8.40 -10.72 26.42
CA LEU D 280 9.80 -10.93 26.77
C LEU D 280 10.44 -9.67 27.35
N PHE D 281 10.12 -8.50 26.79
CA PHE D 281 10.68 -7.24 27.25
C PHE D 281 9.93 -6.65 28.43
N ALA D 282 8.82 -7.27 28.86
CA ALA D 282 8.01 -6.70 29.94
C ALA D 282 8.75 -6.51 31.25
N PRO D 283 9.49 -7.49 31.77
CA PRO D 283 10.22 -7.30 33.03
C PRO D 283 11.44 -6.39 32.93
N LEU D 284 11.71 -5.75 31.80
CA LEU D 284 12.82 -4.80 31.70
C LEU D 284 12.48 -3.43 32.24
N LYS D 285 11.19 -3.11 32.38
CA LYS D 285 10.77 -1.80 32.87
C LYS D 285 10.95 -1.64 34.38
N ASP D 286 11.54 -2.63 35.05
CA ASP D 286 11.93 -2.52 36.45
C ASP D 286 13.42 -2.26 36.62
N TYR D 287 14.16 -2.11 35.52
CA TYR D 287 15.58 -1.79 35.56
C TYR D 287 15.94 -0.53 34.80
N PHE D 288 14.98 0.10 34.12
CA PHE D 288 15.25 1.28 33.31
C PHE D 288 14.12 2.28 33.50
N ALA D 289 14.35 3.50 33.02
CA ALA D 289 13.44 4.60 33.29
C ALA D 289 12.10 4.41 32.58
N CYS D 290 11.01 4.59 33.31
CA CYS D 290 9.68 4.49 32.76
C CYS D 290 9.19 5.86 32.31
N GLU D 291 8.27 5.85 31.35
CA GLU D 291 7.79 7.09 30.74
C GLU D 291 6.40 7.45 31.22
P PYO E 5 8.92 -21.43 9.90
OP1 PYO E 5 10.35 -21.73 10.24
OP2 PYO E 5 8.04 -21.51 11.14
O5' PYO E 5 8.78 -19.94 9.24
C5' PYO E 5 9.75 -19.51 8.27
C4' PYO E 5 9.84 -18.03 8.39
O4' PYO E 5 10.38 -17.71 9.53
C3' PYO E 5 10.83 -17.35 7.24
C1' PYO E 5 10.83 -16.30 9.28
O3' PYO E 5 10.09 -17.28 5.95
C2' PYO E 5 11.07 -16.20 7.69
O2' PYO E 5 10.08 -15.23 7.05
N1 PYO E 5 11.91 -16.01 10.01
C6 PYO E 5 13.26 -15.98 9.46
C2 PYO E 5 11.69 -15.70 11.44
C5 PYO E 5 14.42 -15.61 10.32
O2 PYO E 5 10.57 -15.73 11.91
N3 PYO E 5 12.86 -15.33 12.31
C4 PYO E 5 14.19 -15.30 11.77
P PYO F 5 -6.60 17.92 -16.06
OP1 PYO F 5 -7.83 17.87 -16.97
OP2 PYO F 5 -6.38 19.10 -15.10
O5' PYO F 5 -6.57 16.59 -15.18
C5' PYO F 5 -6.97 15.34 -15.73
C4' PYO F 5 -7.37 14.38 -14.62
O4' PYO F 5 -8.51 14.90 -13.94
C3' PYO F 5 -7.81 12.99 -15.06
C1' PYO F 5 -9.14 13.84 -13.24
O3' PYO F 5 -6.70 12.13 -15.32
C2' PYO F 5 -8.70 12.52 -13.90
O2' PYO F 5 -7.93 11.79 -12.96
N1 PYO F 5 -10.61 14.04 -13.29
C6 PYO F 5 -11.47 13.28 -14.20
C2 PYO F 5 -11.21 15.06 -12.39
C5 PYO F 5 -12.94 13.51 -14.20
O2 PYO F 5 -10.51 15.69 -11.64
N3 PYO F 5 -12.70 15.28 -12.40
C4 PYO F 5 -13.55 14.53 -13.29
MG MG G . -22.77 29.15 -9.61
N SAH H . -15.53 12.23 -7.83
CA SAH H . -15.04 10.93 -7.39
CB SAH H . -14.56 10.11 -8.58
CG SAH H . -14.69 10.79 -9.94
SD SAH H . -13.96 9.78 -11.24
C SAH H . -13.93 11.04 -6.36
O SAH H . -13.89 12.01 -5.59
OXT SAH H . -13.07 10.17 -6.24
C5' SAH H . -15.59 9.22 -11.79
C4' SAH H . -15.98 7.89 -11.16
O4' SAH H . -17.18 7.40 -11.74
C3' SAH H . -14.93 6.81 -11.36
O3' SAH H . -14.45 6.41 -10.11
C2' SAH H . -15.66 5.66 -12.02
O2' SAH H . -15.35 4.45 -11.37
C1' SAH H . -17.13 6.00 -11.82
N9 SAH H . -17.96 5.49 -12.92
C8 SAH H . -17.58 5.32 -14.23
N7 SAH H . -18.63 4.82 -14.92
C5 SAH H . -19.67 4.69 -14.08
C6 SAH H . -20.97 4.22 -14.25
N6 SAH H . -21.38 3.82 -15.45
N1 SAH H . -21.83 4.18 -13.18
C2 SAH H . -21.41 4.60 -11.93
N3 SAH H . -20.12 5.05 -11.76
C4 SAH H . -19.27 5.09 -12.81
MG MG I . 16.37 -19.08 29.17
N SAH J . 14.01 -9.34 13.63
CA SAH J . 13.60 -8.38 12.62
CB SAH J . 13.88 -8.91 11.22
CG SAH J . 14.54 -10.29 11.17
SD SAH J . 14.75 -10.83 9.46
C SAH J . 12.13 -8.00 12.74
O SAH J . 11.52 -8.14 13.80
OXT SAH J . 11.52 -7.54 11.77
C5' SAH J . 16.54 -10.57 9.54
C4' SAH J . 16.94 -9.21 8.99
O4' SAH J . 18.35 -9.11 8.92
C3' SAH J . 16.42 -8.98 7.59
O3' SAH J . 15.52 -7.90 7.59
C2' SAH J . 17.63 -8.61 6.76
O2' SAH J . 17.39 -7.46 5.99
C1' SAH J . 18.70 -8.32 7.80
N9 SAH J . 20.06 -8.63 7.30
C8 SAH J . 20.39 -9.59 6.39
N7 SAH J . 21.73 -9.54 6.20
C5 SAH J . 22.25 -8.57 6.98
C6 SAH J . 23.54 -8.10 7.16
N6 SAH J . 24.55 -8.66 6.50
N1 SAH J . 23.79 -7.07 8.04
C2 SAH J . 22.73 -6.50 8.73
N3 SAH J . 21.44 -6.96 8.55
C4 SAH J . 21.20 -7.98 7.67
#